data_6JBJ
#
_entry.id   6JBJ
#
loop_
_entity.id
_entity.type
_entity.pdbx_description
1 polymer 'ATP-binding cassette sub-family D member 4'
2 non-polymer "ADENOSINE-5'-TRIPHOSPHATE"
#
_entity_poly.entity_id   1
_entity_poly.type   'polypeptide(L)'
_entity_poly.pdbx_seq_one_letter_code
;MASWSHPQFEKGGGARGGSGGGSWSHPQFEKGFDYKDDDDKGTAVAGPAPGAGARPRLDLQFLQRFLQILKVLFPSWSSQ
NALMFLTLLCLTLLEQFVIYQVGLIPSQYYGVLGNKDLEGFKTLTFLAVMLIVLNSTLKSFDQFTCNLLYVSWRKDLTEH
LHRLYFRGRAYYTLNVLRDDIDNPDQRISQDVERFCRQLSSMASKLIISPFTLVYYTYQCFQSTGWLGPVSIFGYFILGT
VVNKTLMGPIVMKLVHQEKLEGDFRFKHMQIRVNAEPAAFYRAGHVEHMRTDRRLQRLLQTQRELMSKELWLYIGINTFD
YLGSILSYVVIAIPIFSGVYGDLSPAELSTLVSKNAFVCIYLISCFTQLIDLSTTLSDVAGYTHRIGQLRETLLDMSLKS
QDCEILGESEWGLDTPPGWPAAEPADTAFLLERVSISAPSSDKPLIKDLSLKISEGQSLLITGNTGTGKTSLLRVLGGLW
TSTRGSVQMLTDFGPHGVLFLPQKPFFTDGTLREQVIYPLKEVYPDSGSADDERILRFLELAGLSNLVARTEGLDQQVDW
NWYDVLSPGEMQRLSFARLFYLQPKYAVLDQATSALTEEVESELYRIGQQLGMTFISVGHRQSLEKFHSLVLKLCGGGRW
ELMRIKVE
;
_entity_poly.pdbx_strand_id   A,B
#
loop_
_chem_comp.id
_chem_comp.type
_chem_comp.name
_chem_comp.formula
ATP non-polymer ADENOSINE-5'-TRIPHOSPHATE 'C10 H16 N5 O13 P3'
#
# COMPACT_ATOMS: atom_id res chain seq x y z
N ARG A 55 23.54 -2.97 -1.32
CA ARG A 55 23.42 -2.33 -2.62
C ARG A 55 22.77 -0.92 -2.59
N PRO A 56 21.64 -0.69 -1.85
CA PRO A 56 21.22 0.72 -1.77
C PRO A 56 21.98 1.52 -0.71
N ARG A 57 23.16 2.02 -1.08
CA ARG A 57 24.11 2.49 -0.09
C ARG A 57 24.47 3.96 -0.23
N LEU A 58 23.57 4.76 -0.82
CA LEU A 58 23.71 6.23 -0.90
C LEU A 58 24.98 6.64 -1.62
N ASP A 59 25.32 5.91 -2.66
CA ASP A 59 26.61 6.08 -3.33
C ASP A 59 26.50 7.19 -4.37
N LEU A 60 27.50 7.26 -5.24
CA LEU A 60 27.45 8.17 -6.37
C LEU A 60 26.53 7.65 -7.47
N GLN A 61 26.06 6.40 -7.36
CA GLN A 61 25.05 5.85 -8.26
C GLN A 61 23.68 6.43 -7.96
N PHE A 62 23.40 6.70 -6.68
CA PHE A 62 22.12 7.22 -6.23
C PHE A 62 21.76 8.54 -6.89
N LEU A 63 22.76 9.38 -7.21
CA LEU A 63 22.48 10.65 -7.84
C LEU A 63 21.98 10.47 -9.26
N GLN A 64 22.53 9.50 -10.00
CA GLN A 64 21.94 9.22 -11.32
C GLN A 64 20.58 8.57 -11.18
N ARG A 65 20.35 7.81 -10.11
CA ARG A 65 19.02 7.31 -9.85
C ARG A 65 18.08 8.41 -9.37
N PHE A 66 18.62 9.50 -8.85
CA PHE A 66 17.81 10.62 -8.43
C PHE A 66 17.62 11.64 -9.54
N LEU A 67 18.64 11.84 -10.37
CA LEU A 67 18.52 12.84 -11.42
C LEU A 67 17.65 12.33 -12.56
N GLN A 68 17.78 11.05 -12.90
CA GLN A 68 16.91 10.47 -13.92
C GLN A 68 15.47 10.35 -13.43
N ILE A 69 15.25 10.34 -12.13
CA ILE A 69 13.91 10.56 -11.60
C ILE A 69 13.53 12.02 -11.76
N LEU A 70 14.44 12.92 -11.42
CA LEU A 70 14.17 14.34 -11.52
C LEU A 70 14.14 14.83 -12.96
N LYS A 71 14.67 14.04 -13.90
CA LYS A 71 14.54 14.41 -15.31
C LYS A 71 13.13 14.23 -15.82
N VAL A 72 12.30 13.45 -15.13
CA VAL A 72 10.93 13.26 -15.55
C VAL A 72 9.93 13.91 -14.61
N LEU A 73 10.31 14.21 -13.36
CA LEU A 73 9.49 15.08 -12.53
C LEU A 73 9.48 16.48 -13.10
N PHE A 74 10.65 17.01 -13.42
CA PHE A 74 10.79 18.22 -14.21
C PHE A 74 11.23 17.81 -15.60
N PRO A 75 10.32 17.69 -16.56
CA PRO A 75 10.74 17.25 -17.90
C PRO A 75 11.50 18.32 -18.65
N SER A 76 11.05 19.57 -18.58
CA SER A 76 11.70 20.69 -19.24
C SER A 76 11.26 21.95 -18.53
N TRP A 77 11.76 23.08 -18.98
CA TRP A 77 11.27 24.35 -18.49
C TRP A 77 9.88 24.60 -19.06
N SER A 78 9.14 25.48 -18.37
CA SER A 78 7.74 25.78 -18.66
C SER A 78 6.86 24.52 -18.65
N SER A 79 7.17 23.61 -17.74
CA SER A 79 6.35 22.42 -17.55
C SER A 79 5.29 22.70 -16.50
N GLN A 80 4.49 21.69 -16.19
CA GLN A 80 3.45 21.85 -15.18
C GLN A 80 4.01 21.74 -13.77
N ASN A 81 5.29 21.41 -13.62
CA ASN A 81 5.93 21.36 -12.31
C ASN A 81 6.96 22.46 -12.12
N ALA A 82 7.70 22.81 -13.17
CA ALA A 82 8.67 23.89 -13.06
C ALA A 82 7.97 25.24 -12.89
N LEU A 83 6.87 25.44 -13.61
CA LEU A 83 6.04 26.61 -13.37
C LEU A 83 5.21 26.49 -12.09
N MET A 84 5.16 25.32 -11.48
CA MET A 84 4.73 25.21 -10.10
C MET A 84 5.89 25.35 -9.15
N PHE A 85 7.12 25.18 -9.63
CA PHE A 85 8.31 25.39 -8.81
C PHE A 85 8.74 26.84 -8.79
N LEU A 86 8.50 27.58 -9.88
CA LEU A 86 8.87 28.98 -9.91
C LEU A 86 7.93 29.81 -9.05
N THR A 87 6.68 29.39 -8.91
CA THR A 87 5.78 30.01 -7.95
C THR A 87 5.93 29.42 -6.57
N LEU A 88 6.90 28.53 -6.38
CA LEU A 88 7.34 28.11 -5.07
C LEU A 88 8.58 28.86 -4.61
N LEU A 89 9.50 29.12 -5.54
CA LEU A 89 10.64 29.98 -5.23
C LEU A 89 10.19 31.41 -4.98
N CYS A 90 9.36 31.96 -5.85
CA CYS A 90 8.87 33.33 -5.73
C CYS A 90 7.77 33.48 -4.68
N LEU A 91 7.48 32.44 -3.92
CA LEU A 91 6.57 32.52 -2.80
C LEU A 91 7.27 32.47 -1.47
N THR A 92 8.28 31.62 -1.32
CA THR A 92 9.09 31.68 -0.11
C THR A 92 10.04 32.87 -0.12
N LEU A 93 10.36 33.41 -1.30
CA LEU A 93 11.11 34.65 -1.35
C LEU A 93 10.25 35.81 -0.85
N LEU A 94 8.98 35.81 -1.20
CA LEU A 94 8.09 36.86 -0.72
C LEU A 94 7.80 36.70 0.76
N GLU A 95 7.69 35.46 1.24
CA GLU A 95 7.41 35.25 2.65
C GLU A 95 8.63 35.47 3.52
N GLN A 96 9.84 35.44 2.96
CA GLN A 96 11.01 35.77 3.75
C GLN A 96 11.07 37.26 4.02
N PHE A 97 10.60 38.07 3.08
CA PHE A 97 10.51 39.51 3.30
C PHE A 97 9.43 39.82 4.33
N VAL A 98 8.33 39.07 4.31
CA VAL A 98 7.21 39.36 5.21
C VAL A 98 7.55 38.93 6.63
N ILE A 99 8.24 37.78 6.78
CA ILE A 99 8.58 37.25 8.10
C ILE A 99 9.54 38.19 8.82
N TYR A 100 10.49 38.76 8.10
CA TYR A 100 11.34 39.79 8.69
C TYR A 100 10.57 41.07 8.94
N GLN A 101 9.63 41.42 8.05
CA GLN A 101 8.84 42.63 8.25
C GLN A 101 7.87 42.46 9.41
N VAL A 102 7.31 41.26 9.58
CA VAL A 102 6.50 41.00 10.77
C VAL A 102 7.39 40.70 11.97
N GLY A 103 8.67 40.43 11.74
CA GLY A 103 9.61 40.33 12.84
C GLY A 103 9.97 41.67 13.45
N LEU A 104 9.62 42.77 12.79
CA LEU A 104 9.84 44.10 13.31
C LEU A 104 8.63 44.69 14.01
N ILE A 105 7.45 44.11 13.80
CA ILE A 105 6.19 44.58 14.42
C ILE A 105 6.23 44.53 15.95
N PRO A 106 6.68 43.47 16.63
CA PRO A 106 6.77 43.59 18.10
C PRO A 106 7.86 44.52 18.57
N SER A 107 8.90 44.74 17.78
CA SER A 107 9.95 45.67 18.19
C SER A 107 9.45 47.11 18.16
N GLN A 108 8.73 47.50 17.10
CA GLN A 108 8.14 48.82 17.01
C GLN A 108 6.76 48.88 17.65
N TYR A 109 6.44 47.93 18.52
CA TYR A 109 5.22 47.96 19.29
C TYR A 109 5.36 48.70 20.60
N TYR A 110 6.50 48.58 21.28
CA TYR A 110 6.71 49.25 22.56
C TYR A 110 6.75 50.77 22.42
N GLY A 111 7.06 51.29 21.23
CA GLY A 111 7.07 52.73 21.05
C GLY A 111 5.69 53.33 21.08
N VAL A 112 4.70 52.63 20.52
CA VAL A 112 3.34 53.17 20.48
C VAL A 112 2.56 52.76 21.73
N LEU A 113 2.92 51.66 22.38
CA LEU A 113 2.32 51.36 23.66
C LEU A 113 2.97 52.14 24.79
N GLY A 114 4.23 52.55 24.63
CA GLY A 114 4.93 53.35 25.61
C GLY A 114 4.48 54.80 25.74
N ASN A 115 3.46 55.23 24.99
CA ASN A 115 2.94 56.57 25.14
C ASN A 115 1.43 56.69 24.98
N LYS A 116 0.71 55.57 24.79
CA LYS A 116 -0.75 55.47 24.95
C LYS A 116 -1.53 56.37 23.98
N ASP A 117 -1.32 56.18 22.68
CA ASP A 117 -2.14 56.87 21.66
C ASP A 117 -2.86 55.81 20.83
N LEU A 118 -4.17 55.68 21.07
CA LEU A 118 -4.94 54.58 20.48
C LEU A 118 -5.13 54.77 18.98
N GLU A 119 -5.35 56.01 18.54
CA GLU A 119 -5.51 56.25 17.11
C GLU A 119 -4.20 56.09 16.35
N GLY A 120 -3.08 56.43 16.99
CA GLY A 120 -1.78 56.10 16.43
C GLY A 120 -1.40 54.65 16.62
N PHE A 121 -2.14 53.93 17.46
CA PHE A 121 -1.99 52.50 17.63
C PHE A 121 -2.82 51.69 16.66
N LYS A 122 -4.01 52.21 16.32
CA LYS A 122 -4.94 51.50 15.45
C LYS A 122 -4.40 51.33 14.04
N THR A 123 -3.46 52.17 13.62
CA THR A 123 -2.78 51.95 12.37
C THR A 123 -1.70 50.88 12.46
N LEU A 124 -1.24 50.53 13.67
CA LEU A 124 -0.19 49.52 13.77
C LEU A 124 -0.77 48.12 13.72
N THR A 125 -1.82 47.87 14.50
CA THR A 125 -2.49 46.57 14.48
C THR A 125 -3.11 46.30 13.11
N PHE A 126 -3.71 47.33 12.49
CA PHE A 126 -4.21 47.19 11.13
C PHE A 126 -3.07 46.94 10.14
N LEU A 127 -1.90 47.50 10.38
CA LEU A 127 -0.74 47.11 9.58
C LEU A 127 -0.30 45.70 9.94
N ALA A 128 -0.43 45.32 11.21
CA ALA A 128 0.03 44.01 11.64
C ALA A 128 -0.90 42.91 11.15
N VAL A 129 -2.21 43.11 11.32
CA VAL A 129 -3.18 42.10 10.92
C VAL A 129 -3.20 41.93 9.40
N MET A 130 -3.00 43.02 8.66
CA MET A 130 -2.79 42.91 7.22
C MET A 130 -1.51 42.14 6.91
N LEU A 131 -0.48 42.33 7.74
CA LEU A 131 0.75 41.56 7.54
C LEU A 131 0.60 40.12 8.00
N ILE A 132 -0.23 39.86 9.02
CA ILE A 132 -0.42 38.49 9.49
C ILE A 132 -1.15 37.66 8.44
N VAL A 133 -2.27 38.19 7.92
CA VAL A 133 -2.96 37.52 6.83
C VAL A 133 -2.20 37.58 5.52
N LEU A 134 -1.15 38.40 5.43
CA LEU A 134 -0.20 38.22 4.36
C LEU A 134 0.86 37.19 4.71
N ASN A 135 1.28 37.13 5.97
CA ASN A 135 2.21 36.08 6.38
C ASN A 135 1.56 34.72 6.36
N SER A 136 0.24 34.66 6.56
CA SER A 136 -0.46 33.38 6.53
C SER A 136 -0.57 32.87 5.11
N THR A 137 -1.22 33.63 4.24
CA THR A 137 -1.45 33.21 2.87
C THR A 137 -0.21 33.22 1.99
N LEU A 138 0.96 33.54 2.53
CA LEU A 138 2.21 33.18 1.89
C LEU A 138 2.83 31.93 2.48
N LYS A 139 2.67 31.71 3.79
CA LYS A 139 3.12 30.45 4.37
C LYS A 139 2.17 29.32 4.03
N SER A 140 0.88 29.61 3.98
CA SER A 140 -0.09 28.57 3.68
C SER A 140 -0.05 28.19 2.21
N PHE A 141 0.16 29.17 1.34
CA PHE A 141 0.35 28.87 -0.07
C PHE A 141 1.71 28.27 -0.34
N ASP A 142 2.66 28.44 0.57
CA ASP A 142 3.90 27.67 0.51
C ASP A 142 3.65 26.22 0.86
N GLN A 143 2.82 25.96 1.87
CA GLN A 143 2.49 24.58 2.22
C GLN A 143 1.55 23.97 1.20
N PHE A 144 0.72 24.77 0.55
CA PHE A 144 -0.22 24.24 -0.42
C PHE A 144 0.47 23.90 -1.72
N THR A 145 1.28 24.80 -2.26
CA THR A 145 1.88 24.54 -3.55
C THR A 145 3.01 23.53 -3.47
N CYS A 146 3.48 23.18 -2.26
CA CYS A 146 4.27 21.97 -2.12
C CYS A 146 3.38 20.74 -2.22
N ASN A 147 2.22 20.76 -1.56
CA ASN A 147 1.30 19.66 -1.66
C ASN A 147 0.60 19.62 -3.01
N LEU A 148 0.55 20.73 -3.73
CA LEU A 148 0.14 20.66 -5.12
C LEU A 148 1.29 20.18 -5.99
N LEU A 149 2.53 20.37 -5.53
CA LEU A 149 3.65 19.82 -6.25
C LEU A 149 3.75 18.32 -6.01
N TYR A 150 3.44 17.88 -4.79
CA TYR A 150 3.42 16.45 -4.47
C TYR A 150 2.39 15.70 -5.29
N VAL A 151 1.23 16.30 -5.49
CA VAL A 151 0.24 15.70 -6.37
C VAL A 151 0.73 15.71 -7.81
N SER A 152 1.28 16.83 -8.26
CA SER A 152 1.72 16.90 -9.64
C SER A 152 3.10 16.31 -9.85
N TRP A 153 3.78 15.84 -8.81
CA TRP A 153 4.96 15.02 -9.02
C TRP A 153 4.59 13.56 -9.23
N ARG A 154 3.74 13.02 -8.36
CA ARG A 154 3.36 11.63 -8.48
C ARG A 154 2.44 11.38 -9.67
N LYS A 155 1.80 12.43 -10.20
CA LYS A 155 1.12 12.23 -11.47
C LYS A 155 2.14 12.10 -12.59
N ASP A 156 3.26 12.81 -12.51
CA ASP A 156 4.25 12.77 -13.56
C ASP A 156 5.24 11.63 -13.41
N LEU A 157 5.34 11.03 -12.23
CA LEU A 157 6.26 9.93 -12.02
C LEU A 157 5.59 8.58 -12.14
N THR A 158 4.34 8.44 -11.66
CA THR A 158 3.63 7.19 -11.87
C THR A 158 3.28 6.99 -13.33
N GLU A 159 2.83 8.04 -14.00
CA GLU A 159 2.52 7.92 -15.42
C GLU A 159 3.77 7.75 -16.26
N HIS A 160 4.92 8.19 -15.76
CA HIS A 160 6.16 7.79 -16.41
C HIS A 160 6.47 6.33 -16.13
N LEU A 161 6.13 5.87 -14.94
CA LEU A 161 6.35 4.46 -14.63
C LEU A 161 5.31 3.57 -15.27
N HIS A 162 4.10 4.08 -15.50
CA HIS A 162 3.08 3.27 -16.16
C HIS A 162 3.40 3.05 -17.62
N ARG A 163 4.01 4.03 -18.28
CA ARG A 163 4.42 3.83 -19.66
C ARG A 163 5.57 2.84 -19.75
N LEU A 164 6.35 2.71 -18.69
CA LEU A 164 7.40 1.70 -18.66
C LEU A 164 6.87 0.35 -18.19
N TYR A 165 5.88 0.34 -17.31
CA TYR A 165 5.39 -0.91 -16.74
C TYR A 165 4.55 -1.67 -17.76
N PHE A 166 3.58 -1.02 -18.37
CA PHE A 166 2.79 -1.65 -19.42
C PHE A 166 3.36 -1.34 -20.79
N ARG A 167 4.66 -1.56 -21.00
CA ARG A 167 5.25 -1.11 -22.26
C ARG A 167 4.99 -2.13 -23.38
N GLY A 168 5.65 -3.27 -23.34
CA GLY A 168 5.18 -4.36 -24.18
C GLY A 168 4.57 -5.48 -23.37
N ARG A 169 5.41 -6.05 -22.50
CA ARG A 169 5.00 -7.13 -21.63
C ARG A 169 5.73 -7.03 -20.30
N ALA A 170 6.09 -5.82 -19.89
CA ALA A 170 6.95 -5.67 -18.73
C ALA A 170 6.20 -5.89 -17.42
N TYR A 171 4.88 -5.84 -17.43
CA TYR A 171 4.14 -6.27 -16.26
C TYR A 171 4.19 -7.78 -16.11
N TYR A 172 4.38 -8.49 -17.21
CA TYR A 172 4.51 -9.94 -17.14
C TYR A 172 5.88 -10.33 -16.63
N THR A 173 6.93 -9.78 -17.25
CA THR A 173 8.28 -10.26 -16.98
C THR A 173 8.76 -9.88 -15.59
N LEU A 174 8.32 -8.75 -15.05
CA LEU A 174 8.72 -8.40 -13.69
C LEU A 174 8.09 -9.31 -12.66
N ASN A 175 6.86 -9.75 -12.91
CA ASN A 175 6.11 -10.44 -11.88
C ASN A 175 6.33 -11.94 -11.90
N VAL A 176 6.53 -12.55 -13.05
CA VAL A 176 6.67 -13.99 -13.14
C VAL A 176 8.05 -14.43 -13.60
N LEU A 177 8.89 -13.52 -14.09
CA LEU A 177 10.19 -13.91 -14.63
C LEU A 177 11.34 -13.18 -13.95
N ARG A 178 11.08 -12.49 -12.84
CA ARG A 178 12.12 -11.73 -12.17
C ARG A 178 11.97 -11.90 -10.66
N ASP A 179 13.11 -12.07 -10.00
CA ASP A 179 13.17 -12.08 -8.55
C ASP A 179 13.91 -10.88 -7.98
N ASP A 180 14.64 -10.14 -8.83
CA ASP A 180 15.39 -8.99 -8.36
C ASP A 180 14.46 -7.85 -7.96
N ILE A 181 13.36 -7.69 -8.69
CA ILE A 181 12.41 -6.62 -8.46
C ILE A 181 11.17 -7.27 -7.89
N ASP A 182 11.02 -7.20 -6.58
CA ASP A 182 10.10 -8.07 -5.87
C ASP A 182 8.66 -7.59 -6.02
N ASN A 183 8.37 -6.35 -5.63
CA ASN A 183 7.01 -5.83 -5.58
C ASN A 183 6.92 -4.58 -6.43
N PRO A 184 6.75 -4.72 -7.75
CA PRO A 184 6.59 -3.53 -8.59
C PRO A 184 5.27 -2.84 -8.43
N ASP A 185 4.28 -3.49 -7.83
CA ASP A 185 3.05 -2.79 -7.46
C ASP A 185 3.32 -1.79 -6.35
N GLN A 186 4.18 -2.16 -5.40
CA GLN A 186 4.49 -1.29 -4.28
C GLN A 186 5.41 -0.15 -4.71
N ARG A 187 6.28 -0.38 -5.68
CA ARG A 187 7.17 0.67 -6.12
C ARG A 187 6.39 1.73 -6.90
N ILE A 188 5.41 1.32 -7.69
CA ILE A 188 4.68 2.27 -8.52
C ILE A 188 3.65 3.02 -7.70
N SER A 189 2.90 2.33 -6.87
CA SER A 189 1.82 2.97 -6.13
C SER A 189 2.32 3.69 -4.90
N GLN A 190 2.93 2.94 -3.98
CA GLN A 190 3.25 3.50 -2.67
C GLN A 190 4.57 4.25 -2.68
N ASP A 191 5.62 3.68 -3.26
CA ASP A 191 6.92 4.33 -3.20
C ASP A 191 7.00 5.57 -4.07
N VAL A 192 6.23 5.67 -5.13
CA VAL A 192 6.13 6.96 -5.80
C VAL A 192 5.35 7.94 -4.94
N GLU A 193 4.33 7.46 -4.24
CA GLU A 193 3.59 8.33 -3.33
C GLU A 193 4.44 8.72 -2.13
N ARG A 194 5.28 7.82 -1.67
CA ARG A 194 6.07 8.12 -0.49
C ARG A 194 7.34 8.89 -0.83
N PHE A 195 7.90 8.70 -2.02
CA PHE A 195 9.02 9.55 -2.40
C PHE A 195 8.55 10.96 -2.68
N CYS A 196 7.44 11.11 -3.39
CA CYS A 196 6.97 12.44 -3.77
C CYS A 196 6.41 13.21 -2.59
N ARG A 197 6.06 12.54 -1.50
CA ARG A 197 5.66 13.28 -0.32
C ARG A 197 6.88 13.71 0.49
N GLN A 198 7.82 12.79 0.72
CA GLN A 198 9.03 13.14 1.45
C GLN A 198 9.96 14.04 0.65
N LEU A 199 9.76 14.15 -0.66
CA LEU A 199 10.51 15.16 -1.39
C LEU A 199 9.82 16.51 -1.30
N SER A 200 8.48 16.53 -1.34
CA SER A 200 7.78 17.80 -1.29
C SER A 200 7.82 18.43 0.08
N SER A 201 7.99 17.64 1.14
CA SER A 201 8.13 18.23 2.47
C SER A 201 9.45 18.97 2.61
N MET A 202 10.49 18.52 1.92
CA MET A 202 11.77 19.22 1.88
C MET A 202 11.94 20.01 0.60
N ALA A 203 10.86 20.26 -0.13
CA ALA A 203 10.93 21.12 -1.30
C ALA A 203 10.59 22.56 -0.97
N SER A 204 10.25 22.85 0.29
CA SER A 204 10.05 24.22 0.72
C SER A 204 11.27 24.80 1.40
N LYS A 205 12.20 23.95 1.84
CA LYS A 205 13.41 24.39 2.49
C LYS A 205 14.66 24.17 1.66
N LEU A 206 14.61 23.34 0.63
CA LEU A 206 15.68 23.26 -0.35
C LEU A 206 15.53 24.29 -1.44
N ILE A 207 14.55 25.19 -1.33
CA ILE A 207 14.34 26.19 -2.35
C ILE A 207 14.69 27.59 -1.84
N ILE A 208 14.60 27.84 -0.55
CA ILE A 208 15.00 29.14 -0.02
C ILE A 208 16.44 29.11 0.49
N SER A 209 16.95 27.94 0.87
CA SER A 209 18.32 27.76 1.32
C SER A 209 19.39 28.08 0.29
N PRO A 210 19.15 28.02 -1.02
CA PRO A 210 20.07 28.70 -1.95
C PRO A 210 20.16 30.20 -1.78
N PHE A 211 19.20 30.84 -1.13
CA PHE A 211 19.23 32.28 -0.96
C PHE A 211 19.51 32.72 0.46
N THR A 212 18.82 32.14 1.45
CA THR A 212 19.00 32.62 2.82
C THR A 212 20.32 32.18 3.41
N LEU A 213 20.98 31.20 2.82
CA LEU A 213 22.36 30.91 3.20
C LEU A 213 23.31 31.93 2.60
N VAL A 214 22.99 32.44 1.41
CA VAL A 214 23.84 33.44 0.77
C VAL A 214 23.77 34.76 1.53
N TYR A 215 22.56 35.20 1.87
CA TYR A 215 22.40 36.49 2.54
C TYR A 215 22.96 36.46 3.95
N TYR A 216 22.83 35.35 4.64
CA TYR A 216 23.33 35.31 6.02
C TYR A 216 24.84 35.14 6.05
N THR A 217 25.43 34.51 5.05
CA THR A 217 26.89 34.45 4.97
C THR A 217 27.48 35.82 4.67
N TYR A 218 26.78 36.62 3.86
CA TYR A 218 27.19 38.00 3.69
C TYR A 218 27.00 38.79 4.97
N GLN A 219 25.94 38.49 5.71
CA GLN A 219 25.73 39.16 7.00
C GLN A 219 26.73 38.68 8.03
N CYS A 220 27.26 37.48 7.88
CA CYS A 220 28.27 36.96 8.80
C CYS A 220 29.67 37.40 8.41
N PHE A 221 29.95 37.53 7.12
CA PHE A 221 31.27 37.97 6.68
C PHE A 221 31.53 39.43 7.05
N GLN A 222 30.49 40.23 7.17
CA GLN A 222 30.62 41.61 7.63
C GLN A 222 30.61 41.72 9.14
N SER A 223 30.73 40.62 9.87
CA SER A 223 30.71 40.68 11.32
C SER A 223 31.89 39.94 11.93
N THR A 224 32.34 38.86 11.29
CA THR A 224 33.49 38.13 11.79
C THR A 224 34.66 38.12 10.82
N GLY A 225 34.44 37.72 9.56
CA GLY A 225 35.45 37.82 8.53
C GLY A 225 35.87 36.45 8.01
N TRP A 226 37.17 36.32 7.72
CA TRP A 226 37.71 35.09 7.13
C TRP A 226 37.61 33.91 8.09
N LEU A 227 37.71 34.17 9.40
CA LEU A 227 37.62 33.13 10.41
C LEU A 227 36.21 32.97 10.95
N GLY A 228 35.20 33.34 10.16
CA GLY A 228 33.83 33.34 10.58
C GLY A 228 33.04 32.16 10.03
N PRO A 229 32.33 32.38 8.92
CA PRO A 229 31.43 31.35 8.39
C PRO A 229 32.13 30.12 7.85
N VAL A 230 33.44 30.16 7.60
CA VAL A 230 34.13 28.92 7.26
C VAL A 230 34.37 28.05 8.47
N SER A 231 34.12 28.56 9.67
CA SER A 231 33.98 27.70 10.83
C SER A 231 32.55 27.26 11.03
N ILE A 232 31.64 27.71 10.18
CA ILE A 232 30.30 27.15 10.09
C ILE A 232 30.15 26.27 8.86
N PHE A 233 30.80 26.65 7.76
CA PHE A 233 30.86 25.77 6.60
C PHE A 233 31.63 24.51 6.91
N GLY A 234 32.67 24.62 7.75
CA GLY A 234 33.34 23.45 8.25
C GLY A 234 32.51 22.66 9.24
N TYR A 235 31.51 23.30 9.85
CA TYR A 235 30.56 22.58 10.68
C TYR A 235 29.51 21.86 9.84
N PHE A 236 29.33 22.27 8.59
CA PHE A 236 28.47 21.51 7.69
C PHE A 236 29.19 20.30 7.14
N ILE A 237 30.45 20.47 6.75
CA ILE A 237 31.23 19.38 6.17
C ILE A 237 31.45 18.29 7.21
N LEU A 238 31.66 18.66 8.47
CA LEU A 238 31.61 17.65 9.51
C LEU A 238 30.17 17.22 9.77
N GLY A 239 29.21 18.13 9.62
CA GLY A 239 27.83 17.81 9.94
C GLY A 239 27.17 16.88 8.95
N THR A 240 27.64 16.87 7.70
CA THR A 240 27.04 16.00 6.70
C THR A 240 27.86 14.75 6.41
N VAL A 241 29.16 14.77 6.69
CA VAL A 241 29.92 13.52 6.62
C VAL A 241 29.47 12.58 7.73
N VAL A 242 29.15 13.14 8.90
CA VAL A 242 28.64 12.33 10.00
C VAL A 242 27.20 11.86 9.76
N ASN A 243 26.55 12.34 8.70
CA ASN A 243 25.27 11.79 8.28
C ASN A 243 25.38 10.87 7.07
N LYS A 244 26.26 11.19 6.12
CA LYS A 244 26.41 10.35 4.94
C LYS A 244 27.03 9.01 5.27
N THR A 245 27.74 8.90 6.38
CA THR A 245 28.14 7.60 6.92
C THR A 245 27.14 7.06 7.91
N LEU A 246 26.07 7.80 8.20
CA LEU A 246 25.06 7.35 9.14
C LEU A 246 23.70 7.14 8.50
N MET A 247 23.44 7.75 7.35
CA MET A 247 22.29 7.41 6.55
C MET A 247 22.52 6.18 5.68
N GLY A 248 23.70 5.57 5.79
CA GLY A 248 24.01 4.33 5.11
C GLY A 248 23.14 3.18 5.57
N PRO A 249 23.27 2.76 6.83
CA PRO A 249 22.42 1.66 7.33
C PRO A 249 20.96 2.03 7.52
N ILE A 250 20.55 3.27 7.28
CA ILE A 250 19.12 3.56 7.20
C ILE A 250 18.56 2.99 5.91
N VAL A 251 19.15 3.39 4.78
CA VAL A 251 18.65 3.03 3.47
C VAL A 251 18.75 1.52 3.23
N MET A 252 19.82 0.89 3.76
CA MET A 252 19.93 -0.56 3.67
C MET A 252 18.86 -1.26 4.49
N LYS A 253 18.39 -0.63 5.55
CA LYS A 253 17.30 -1.17 6.34
C LYS A 253 15.98 -0.51 6.03
N LEU A 254 15.92 0.36 5.03
CA LEU A 254 14.65 0.94 4.62
C LEU A 254 14.12 0.33 3.34
N VAL A 255 14.99 0.04 2.38
CA VAL A 255 14.57 -0.74 1.22
C VAL A 255 14.16 -2.13 1.66
N HIS A 256 14.89 -2.70 2.62
CA HIS A 256 14.45 -3.96 3.22
C HIS A 256 13.20 -3.76 4.06
N GLN A 257 12.98 -2.57 4.59
CA GLN A 257 11.71 -2.27 5.23
C GLN A 257 10.61 -2.05 4.21
N GLU A 258 10.97 -1.70 2.98
CA GLU A 258 9.96 -1.43 1.98
C GLU A 258 9.58 -2.67 1.19
N LYS A 259 10.48 -3.63 1.07
CA LYS A 259 10.10 -4.91 0.48
C LYS A 259 9.12 -5.64 1.39
N LEU A 260 9.42 -5.66 2.69
CA LEU A 260 8.57 -6.38 3.62
C LEU A 260 7.27 -5.66 3.89
N GLU A 261 7.22 -4.34 3.73
CA GLU A 261 5.94 -3.64 3.77
C GLU A 261 5.17 -3.80 2.48
N GLY A 262 5.80 -4.30 1.43
CA GLY A 262 5.12 -4.56 0.18
C GLY A 262 4.78 -6.02 0.03
N ASP A 263 5.61 -6.89 0.60
CA ASP A 263 5.29 -8.31 0.59
C ASP A 263 4.16 -8.62 1.57
N PHE A 264 4.04 -7.84 2.63
CA PHE A 264 2.94 -8.03 3.57
C PHE A 264 1.63 -7.56 2.96
N ARG A 265 1.68 -6.44 2.24
CA ARG A 265 0.49 -5.94 1.57
C ARG A 265 0.04 -6.86 0.45
N PHE A 266 0.99 -7.49 -0.24
CA PHE A 266 0.63 -8.51 -1.22
C PHE A 266 0.12 -9.77 -0.55
N LYS A 267 0.54 -10.03 0.68
CA LYS A 267 0.01 -11.17 1.41
C LYS A 267 -1.46 -10.98 1.74
N HIS A 268 -1.88 -9.73 1.97
CA HIS A 268 -3.30 -9.50 2.18
C HIS A 268 -4.08 -9.57 0.88
N MET A 269 -3.46 -9.27 -0.24
CA MET A 269 -4.15 -9.42 -1.50
C MET A 269 -3.96 -10.79 -2.11
N GLN A 270 -3.25 -11.69 -1.44
CA GLN A 270 -3.44 -13.09 -1.70
C GLN A 270 -4.53 -13.66 -0.82
N ILE A 271 -5.08 -12.86 0.08
CA ILE A 271 -6.27 -13.20 0.83
C ILE A 271 -7.50 -12.54 0.22
N ARG A 272 -7.38 -11.30 -0.23
CA ARG A 272 -8.52 -10.58 -0.79
C ARG A 272 -8.90 -11.14 -2.16
N VAL A 273 -7.91 -11.44 -2.99
CA VAL A 273 -8.19 -12.07 -4.28
C VAL A 273 -8.64 -13.50 -4.06
N ASN A 274 -8.10 -14.18 -3.06
CA ASN A 274 -8.39 -15.57 -2.86
C ASN A 274 -9.18 -15.82 -1.58
N ALA A 275 -10.19 -15.01 -1.33
CA ALA A 275 -11.03 -15.23 -0.16
C ALA A 275 -11.92 -16.44 -0.33
N GLU A 276 -12.41 -16.64 -1.55
CA GLU A 276 -13.28 -17.78 -1.83
C GLU A 276 -12.59 -19.13 -1.65
N PRO A 277 -11.36 -19.39 -2.16
CA PRO A 277 -10.80 -20.72 -1.91
C PRO A 277 -10.27 -20.89 -0.50
N ALA A 278 -9.78 -19.81 0.13
CA ALA A 278 -9.13 -19.95 1.43
C ALA A 278 -10.15 -20.26 2.52
N ALA A 279 -11.33 -19.68 2.43
CA ALA A 279 -12.35 -19.95 3.43
C ALA A 279 -13.05 -21.27 3.22
N PHE A 280 -12.83 -21.93 2.09
CA PHE A 280 -13.28 -23.30 1.94
C PHE A 280 -12.46 -24.24 2.80
N TYR A 281 -11.21 -23.90 3.06
CA TYR A 281 -10.35 -24.71 3.91
C TYR A 281 -10.52 -24.40 5.38
N ARG A 282 -11.39 -23.45 5.72
CA ARG A 282 -11.51 -22.86 7.07
C ARG A 282 -10.15 -22.40 7.58
N ALA A 283 -9.46 -21.64 6.74
CA ALA A 283 -8.05 -21.33 6.95
C ALA A 283 -7.83 -20.02 7.67
N GLY A 284 -8.74 -19.64 8.57
CA GLY A 284 -8.50 -18.45 9.38
C GLY A 284 -7.35 -18.64 10.34
N HIS A 285 -7.33 -19.76 11.04
CA HIS A 285 -6.27 -20.02 12.01
C HIS A 285 -4.97 -20.43 11.36
N VAL A 286 -4.96 -20.66 10.05
CA VAL A 286 -3.72 -20.86 9.32
C VAL A 286 -3.18 -19.55 8.79
N GLU A 287 -4.03 -18.81 8.07
CA GLU A 287 -3.59 -17.57 7.44
C GLU A 287 -3.29 -16.47 8.45
N HIS A 288 -3.77 -16.59 9.68
CA HIS A 288 -3.29 -15.71 10.73
C HIS A 288 -1.81 -15.94 10.97
N MET A 289 -1.42 -17.19 11.20
CA MET A 289 -0.01 -17.51 11.43
C MET A 289 0.83 -17.47 10.17
N ARG A 290 0.23 -17.27 9.00
CA ARG A 290 1.02 -16.97 7.81
C ARG A 290 1.20 -15.47 7.63
N THR A 291 0.14 -14.69 7.84
CA THR A 291 0.23 -13.26 7.64
C THR A 291 0.98 -12.58 8.78
N ASP A 292 0.81 -13.09 10.01
CA ASP A 292 1.58 -12.54 11.11
C ASP A 292 3.06 -12.87 10.97
N ARG A 293 3.38 -14.01 10.36
CA ARG A 293 4.76 -14.29 9.99
C ARG A 293 5.26 -13.29 8.95
N ARG A 294 4.39 -12.86 8.05
CA ARG A 294 4.74 -11.77 7.15
C ARG A 294 4.73 -10.44 7.87
N LEU A 295 3.93 -10.31 8.93
CA LEU A 295 3.88 -9.05 9.66
C LEU A 295 5.08 -8.89 10.57
N GLN A 296 5.43 -9.95 11.31
CA GLN A 296 6.53 -9.87 12.27
C GLN A 296 7.86 -9.63 11.58
N ARG A 297 8.03 -10.16 10.37
CA ARG A 297 9.23 -9.87 9.60
C ARG A 297 9.29 -8.41 9.20
N LEU A 298 8.14 -7.77 9.04
CA LEU A 298 8.13 -6.33 8.83
C LEU A 298 8.37 -5.60 10.14
N LEU A 299 7.78 -6.09 11.22
CA LEU A 299 7.94 -5.40 12.49
C LEU A 299 9.28 -5.68 13.15
N GLN A 300 10.03 -6.67 12.68
CA GLN A 300 11.39 -6.83 13.16
C GLN A 300 12.40 -6.13 12.28
N THR A 301 11.96 -5.55 11.17
CA THR A 301 12.79 -4.66 10.39
C THR A 301 12.30 -3.22 10.41
N GLN A 302 11.11 -2.97 10.93
CA GLN A 302 10.73 -1.61 11.24
C GLN A 302 11.27 -1.20 12.60
N ARG A 303 11.32 -2.15 13.53
CA ARG A 303 11.99 -1.91 14.80
C ARG A 303 13.50 -1.84 14.62
N GLU A 304 14.02 -2.56 13.64
CA GLU A 304 15.45 -2.46 13.33
C GLU A 304 15.80 -1.11 12.73
N LEU A 305 14.85 -0.49 12.04
CA LEU A 305 15.12 0.82 11.44
C LEU A 305 15.19 1.90 12.51
N MET A 306 14.36 1.81 13.55
CA MET A 306 14.42 2.77 14.63
C MET A 306 15.70 2.62 15.44
N SER A 307 16.23 1.39 15.54
CA SER A 307 17.52 1.20 16.17
C SER A 307 18.66 1.79 15.34
N LYS A 308 18.46 1.94 14.04
CA LYS A 308 19.45 2.64 13.23
C LYS A 308 19.13 4.11 13.10
N GLU A 309 17.86 4.50 13.07
CA GLU A 309 17.53 5.90 12.96
C GLU A 309 17.71 6.65 14.26
N LEU A 310 17.93 5.96 15.37
CA LEU A 310 18.28 6.62 16.62
C LEU A 310 19.60 7.35 16.48
N TRP A 311 20.55 6.77 15.75
CA TRP A 311 21.82 7.45 15.57
C TRP A 311 21.70 8.61 14.60
N LEU A 312 20.79 8.51 13.65
CA LEU A 312 20.55 9.64 12.75
C LEU A 312 19.87 10.79 13.47
N TYR A 313 19.00 10.49 14.43
CA TYR A 313 18.43 11.56 15.25
C TYR A 313 19.49 12.18 16.15
N ILE A 314 20.48 11.40 16.56
CA ILE A 314 21.56 11.96 17.39
C ILE A 314 22.42 12.90 16.56
N GLY A 315 22.86 12.46 15.39
CA GLY A 315 23.71 13.26 14.52
C GLY A 315 23.04 14.49 13.93
N ILE A 316 21.74 14.66 14.10
CA ILE A 316 21.06 15.89 13.75
C ILE A 316 20.85 16.77 14.97
N ASN A 317 20.38 16.18 16.06
CA ASN A 317 20.17 16.96 17.28
C ASN A 317 21.47 17.37 17.93
N THR A 318 22.58 16.65 17.68
CA THR A 318 23.87 17.15 18.12
C THR A 318 24.29 18.35 17.28
N PHE A 319 24.07 18.28 15.97
CA PHE A 319 24.43 19.40 15.11
C PHE A 319 23.58 20.63 15.40
N ASP A 320 22.32 20.42 15.78
CA ASP A 320 21.45 21.56 16.03
C ASP A 320 21.80 22.27 17.31
N TYR A 321 21.92 21.52 18.41
CA TYR A 321 22.05 22.15 19.71
C TYR A 321 23.47 22.61 19.99
N LEU A 322 24.48 21.84 19.54
CA LEU A 322 25.85 22.34 19.61
C LEU A 322 26.06 23.48 18.63
N GLY A 323 25.25 23.55 17.57
CA GLY A 323 25.24 24.71 16.71
C GLY A 323 24.73 25.96 17.39
N SER A 324 23.97 25.83 18.48
CA SER A 324 23.60 27.02 19.24
C SER A 324 24.76 27.60 20.02
N ILE A 325 25.81 26.81 20.27
CA ILE A 325 26.97 27.29 21.00
C ILE A 325 28.23 27.34 20.15
N LEU A 326 28.23 26.78 18.95
CA LEU A 326 29.46 26.76 18.18
C LEU A 326 29.81 28.14 17.63
N SER A 327 28.83 29.03 17.47
CA SER A 327 29.14 30.41 17.15
C SER A 327 29.96 31.09 18.24
N TYR A 328 29.74 30.68 19.49
CA TYR A 328 30.45 31.29 20.59
C TYR A 328 31.90 30.85 20.65
N VAL A 329 32.18 29.60 20.26
CA VAL A 329 33.56 29.11 20.30
C VAL A 329 34.32 29.49 19.05
N VAL A 330 33.63 30.00 18.01
CA VAL A 330 34.31 30.74 16.95
C VAL A 330 35.01 31.97 17.51
N ILE A 331 34.45 32.56 18.55
CA ILE A 331 34.94 33.82 19.09
C ILE A 331 35.70 33.47 20.35
N ALA A 332 36.39 32.33 20.33
CA ALA A 332 37.42 32.06 21.32
C ALA A 332 38.69 32.87 21.08
N ILE A 333 38.82 33.49 19.91
CA ILE A 333 39.99 34.31 19.58
C ILE A 333 40.21 35.53 20.48
N PRO A 334 39.23 36.09 21.22
CA PRO A 334 39.65 36.93 22.34
C PRO A 334 40.22 36.14 23.49
N ILE A 335 39.58 35.04 23.90
CA ILE A 335 39.98 34.38 25.13
C ILE A 335 41.18 33.46 24.92
N PHE A 336 41.50 33.12 23.68
CA PHE A 336 42.70 32.36 23.39
C PHE A 336 43.82 33.22 22.80
N SER A 337 43.48 34.19 21.96
CA SER A 337 44.49 35.06 21.37
C SER A 337 44.33 36.51 21.82
N GLY A 338 43.16 37.11 21.63
CA GLY A 338 42.97 38.51 21.99
C GLY A 338 43.67 39.47 21.05
N VAL A 339 43.60 39.23 19.75
CA VAL A 339 44.33 40.04 18.79
C VAL A 339 43.70 41.40 18.53
N TYR A 340 42.48 41.63 19.01
CA TYR A 340 41.85 42.93 18.93
C TYR A 340 41.39 43.38 20.31
N GLY A 341 42.16 43.03 21.34
CA GLY A 341 41.79 43.36 22.70
C GLY A 341 41.90 44.83 23.02
N ASP A 342 40.77 45.50 23.12
CA ASP A 342 40.72 46.92 23.43
C ASP A 342 39.98 47.22 24.73
N LEU A 343 38.76 46.71 24.87
CA LEU A 343 37.96 46.99 26.04
C LEU A 343 37.51 45.68 26.68
N SER A 344 37.41 45.70 28.00
CA SER A 344 36.82 44.58 28.73
C SER A 344 35.29 44.59 28.73
N PRO A 345 34.56 45.72 29.00
CA PRO A 345 33.09 45.59 28.97
C PRO A 345 32.45 45.92 27.64
N ALA A 346 33.20 46.53 26.72
CA ALA A 346 32.59 47.05 25.49
C ALA A 346 33.11 46.39 24.22
N GLU A 347 34.36 45.96 24.18
CA GLU A 347 34.84 45.17 23.04
C GLU A 347 34.42 43.71 23.18
N LEU A 348 34.16 43.26 24.40
CA LEU A 348 33.83 41.87 24.65
C LEU A 348 32.32 41.66 24.61
N SER A 349 31.58 42.36 25.46
CA SER A 349 30.14 42.41 25.32
C SER A 349 29.79 43.26 24.09
N THR A 350 28.58 43.01 23.58
CA THR A 350 27.85 43.64 22.46
C THR A 350 28.59 43.57 21.12
N LEU A 351 29.76 42.95 21.09
CA LEU A 351 30.38 42.47 19.87
C LEU A 351 30.00 41.03 19.60
N VAL A 352 30.18 40.17 20.60
CA VAL A 352 29.76 38.78 20.45
C VAL A 352 28.25 38.69 20.54
N SER A 353 27.59 39.62 21.23
CA SER A 353 26.15 39.68 21.21
C SER A 353 25.61 40.19 19.89
N LYS A 354 26.46 40.89 19.12
CA LYS A 354 26.17 41.17 17.72
C LYS A 354 26.61 40.03 16.82
N ASN A 355 27.59 39.24 17.27
CA ASN A 355 28.10 38.17 16.44
C ASN A 355 27.27 36.90 16.62
N ALA A 356 26.79 36.64 17.84
CA ALA A 356 25.87 35.52 18.02
C ALA A 356 24.49 35.85 17.48
N PHE A 357 24.15 37.14 17.39
CA PHE A 357 22.87 37.53 16.79
C PHE A 357 22.87 37.36 15.28
N VAL A 358 24.02 37.14 14.67
CA VAL A 358 24.09 36.95 13.23
C VAL A 358 24.57 35.55 12.85
N CYS A 359 25.34 34.88 13.70
CA CYS A 359 25.80 33.54 13.34
C CYS A 359 24.80 32.47 13.73
N ILE A 360 24.14 32.59 14.89
CA ILE A 360 23.00 31.72 15.19
C ILE A 360 21.87 32.01 14.21
N TYR A 361 21.79 33.25 13.73
CA TYR A 361 20.88 33.60 12.65
C TYR A 361 21.25 32.88 11.36
N LEU A 362 22.54 32.51 11.19
CA LEU A 362 22.96 31.77 10.00
C LEU A 362 22.65 30.29 10.13
N ILE A 363 22.97 29.70 11.28
CA ILE A 363 22.73 28.28 11.48
C ILE A 363 21.24 27.96 11.57
N SER A 364 20.42 28.97 11.87
CA SER A 364 18.97 28.82 11.82
C SER A 364 18.47 28.50 10.42
N CYS A 365 19.15 28.98 9.38
CA CYS A 365 18.86 28.59 8.02
C CYS A 365 19.79 27.51 7.51
N PHE A 366 20.70 27.05 8.35
CA PHE A 366 21.71 26.08 7.94
C PHE A 366 21.58 24.76 8.65
N THR A 367 20.92 24.72 9.82
CA THR A 367 20.54 23.45 10.40
C THR A 367 19.27 22.90 9.79
N GLN A 368 18.59 23.67 8.94
CA GLN A 368 17.47 23.13 8.19
C GLN A 368 17.93 22.04 7.24
N LEU A 369 19.07 22.22 6.60
CA LEU A 369 19.60 21.25 5.65
C LEU A 369 20.05 19.95 6.30
N ILE A 370 20.22 19.95 7.62
CA ILE A 370 20.50 18.71 8.34
C ILE A 370 19.27 18.26 9.13
N ASP A 371 18.32 19.16 9.42
CA ASP A 371 17.04 18.76 10.01
C ASP A 371 16.26 17.83 9.10
N LEU A 372 16.47 17.93 7.79
CA LEU A 372 15.84 17.05 6.83
C LEU A 372 16.76 15.92 6.38
N SER A 373 17.76 15.58 7.19
CA SER A 373 18.54 14.39 6.86
C SER A 373 17.77 13.11 7.12
N THR A 374 16.75 13.15 7.99
CA THR A 374 15.84 12.02 8.10
C THR A 374 15.00 11.89 6.83
N THR A 375 14.37 12.99 6.42
CA THR A 375 13.50 12.96 5.24
C THR A 375 14.28 13.02 3.95
N LEU A 376 15.61 12.99 4.00
CA LEU A 376 16.39 12.66 2.82
C LEU A 376 16.95 11.25 2.90
N SER A 377 17.06 10.68 4.10
CA SER A 377 17.29 9.25 4.20
C SER A 377 16.07 8.47 3.75
N ASP A 378 14.88 9.03 3.98
CA ASP A 378 13.67 8.39 3.48
C ASP A 378 13.59 8.50 1.96
N VAL A 379 13.93 9.66 1.41
CA VAL A 379 13.90 9.85 -0.04
C VAL A 379 14.93 8.97 -0.72
N ALA A 380 16.13 8.90 -0.16
CA ALA A 380 17.16 8.02 -0.71
C ALA A 380 16.82 6.55 -0.53
N GLY A 381 15.95 6.21 0.41
CA GLY A 381 15.43 4.87 0.46
C GLY A 381 14.47 4.59 -0.66
N TYR A 382 13.67 5.57 -1.05
CA TYR A 382 12.64 5.35 -2.05
C TYR A 382 13.14 5.51 -3.46
N THR A 383 14.13 6.35 -3.71
CA THR A 383 14.71 6.39 -5.05
C THR A 383 15.62 5.20 -5.32
N HIS A 384 16.02 4.47 -4.29
CA HIS A 384 16.64 3.19 -4.51
C HIS A 384 15.61 2.08 -4.66
N ARG A 385 14.33 2.41 -4.60
CA ARG A 385 13.25 1.52 -4.98
C ARG A 385 12.71 1.86 -6.36
N ILE A 386 12.41 3.14 -6.60
CA ILE A 386 11.93 3.56 -7.90
C ILE A 386 13.05 3.50 -8.93
N GLY A 387 14.23 3.95 -8.55
CA GLY A 387 15.37 3.84 -9.45
C GLY A 387 15.88 2.43 -9.64
N GLN A 388 15.51 1.51 -8.76
CA GLN A 388 15.70 0.10 -9.00
C GLN A 388 14.70 -0.45 -9.99
N LEU A 389 13.56 0.23 -10.14
CA LEU A 389 12.48 -0.22 -11.00
C LEU A 389 12.59 0.35 -12.40
N ARG A 390 12.74 1.66 -12.53
CA ARG A 390 12.85 2.20 -13.88
C ARG A 390 14.19 1.92 -14.52
N GLU A 391 15.19 1.46 -13.75
CA GLU A 391 16.38 0.90 -14.37
C GLU A 391 16.06 -0.41 -15.06
N THR A 392 15.39 -1.32 -14.35
CA THR A 392 15.10 -2.62 -14.96
C THR A 392 13.94 -2.55 -15.94
N LEU A 393 13.20 -1.45 -15.98
CA LEU A 393 12.17 -1.30 -16.99
C LEU A 393 12.71 -0.70 -18.27
N LEU A 394 13.76 0.10 -18.17
CA LEU A 394 14.28 0.78 -19.36
C LEU A 394 15.01 -0.19 -20.28
N ASP A 395 15.85 -1.07 -19.72
CA ASP A 395 16.51 -2.05 -20.56
C ASP A 395 15.54 -3.16 -21.00
N MET A 396 14.45 -3.36 -20.27
CA MET A 396 13.44 -4.31 -20.68
C MET A 396 12.62 -3.80 -21.86
N SER A 397 12.66 -2.50 -22.13
CA SER A 397 11.97 -1.97 -23.30
C SER A 397 12.68 -2.32 -24.61
N LEU A 398 13.95 -2.73 -24.54
CA LEU A 398 14.71 -3.09 -25.72
C LEU A 398 14.26 -4.42 -26.29
N ASP A 426 -3.89 -15.97 -43.04
CA ASP A 426 -3.44 -17.31 -43.53
C ASP A 426 -2.08 -17.63 -42.93
N THR A 427 -1.80 -18.91 -42.68
CA THR A 427 -0.52 -19.39 -42.10
C THR A 427 -0.25 -18.65 -40.78
N ALA A 428 -1.03 -18.98 -39.74
CA ALA A 428 -0.96 -18.36 -38.40
C ALA A 428 0.49 -18.20 -37.92
N PHE A 429 1.18 -19.31 -37.64
CA PHE A 429 2.58 -19.21 -37.12
C PHE A 429 3.51 -20.22 -37.79
N LEU A 430 4.81 -19.93 -37.73
CA LEU A 430 5.88 -20.78 -38.24
C LEU A 430 6.83 -21.13 -37.10
N LEU A 431 7.07 -22.41 -36.90
CA LEU A 431 7.92 -22.92 -35.85
C LEU A 431 9.02 -23.75 -36.49
N GLU A 432 10.28 -23.37 -36.28
CA GLU A 432 11.42 -24.03 -36.91
C GLU A 432 12.37 -24.52 -35.83
N ARG A 433 12.26 -25.81 -35.50
CA ARG A 433 13.17 -26.53 -34.60
C ARG A 433 13.25 -25.87 -33.21
N VAL A 434 12.10 -25.85 -32.54
CA VAL A 434 11.88 -25.01 -31.37
C VAL A 434 11.92 -25.89 -30.13
N SER A 435 12.60 -25.40 -29.08
CA SER A 435 13.06 -26.23 -27.96
C SER A 435 12.71 -25.56 -26.63
N ILE A 436 11.42 -25.25 -26.44
CA ILE A 436 10.96 -24.48 -25.29
C ILE A 436 11.21 -25.22 -23.99
N SER A 437 11.74 -24.48 -23.00
CA SER A 437 11.95 -25.01 -21.66
C SER A 437 11.31 -24.09 -20.64
N ALA A 438 11.14 -24.64 -19.44
CA ALA A 438 10.80 -23.82 -18.29
C ALA A 438 11.96 -22.88 -17.99
N PRO A 439 11.66 -21.66 -17.53
CA PRO A 439 12.74 -20.66 -17.38
C PRO A 439 13.74 -20.97 -16.29
N SER A 440 13.33 -21.68 -15.24
CA SER A 440 14.26 -22.01 -14.17
C SER A 440 15.12 -23.22 -14.53
N SER A 441 14.49 -24.27 -15.04
CA SER A 441 15.21 -25.51 -15.31
C SER A 441 15.94 -25.41 -16.65
N ASP A 442 16.56 -26.53 -17.04
CA ASP A 442 17.36 -26.59 -18.25
C ASP A 442 16.80 -27.51 -19.32
N LYS A 443 16.14 -28.60 -18.91
CA LYS A 443 15.62 -29.55 -19.88
C LYS A 443 14.44 -28.94 -20.63
N PRO A 444 14.34 -29.16 -21.93
CA PRO A 444 13.24 -28.57 -22.70
C PRO A 444 11.94 -29.30 -22.49
N LEU A 445 10.86 -28.53 -22.45
CA LEU A 445 9.53 -29.13 -22.36
C LEU A 445 9.14 -29.79 -23.67
N ILE A 446 9.36 -29.09 -24.78
CA ILE A 446 9.27 -29.69 -26.11
C ILE A 446 10.62 -29.51 -26.78
N LYS A 447 10.92 -30.41 -27.71
CA LYS A 447 12.27 -30.54 -28.25
C LYS A 447 12.46 -29.90 -29.61
N ASP A 448 11.62 -30.24 -30.58
CA ASP A 448 11.77 -29.76 -31.93
C ASP A 448 10.41 -29.52 -32.54
N LEU A 449 10.19 -28.34 -33.11
CA LEU A 449 8.92 -28.01 -33.73
C LEU A 449 9.15 -27.63 -35.18
N SER A 450 8.49 -28.36 -36.08
CA SER A 450 8.36 -27.97 -37.48
C SER A 450 6.87 -27.80 -37.72
N LEU A 451 6.35 -26.63 -37.38
CA LEU A 451 4.92 -26.43 -37.21
C LEU A 451 4.45 -25.27 -38.07
N LYS A 452 3.26 -25.42 -38.65
CA LYS A 452 2.68 -24.38 -39.49
C LYS A 452 1.17 -24.51 -39.42
N ILE A 453 0.50 -23.38 -39.25
CA ILE A 453 -0.95 -23.33 -39.08
C ILE A 453 -1.54 -22.52 -40.22
N SER A 454 -2.51 -23.10 -40.92
CA SER A 454 -3.23 -22.42 -41.99
C SER A 454 -4.67 -22.19 -41.56
N GLU A 455 -5.42 -21.53 -42.44
CA GLU A 455 -6.86 -21.28 -42.19
C GLU A 455 -7.59 -22.61 -42.35
N GLY A 456 -8.53 -22.89 -41.44
CA GLY A 456 -9.30 -24.12 -41.47
C GLY A 456 -8.59 -25.36 -40.96
N GLN A 457 -7.51 -25.19 -40.19
CA GLN A 457 -6.81 -26.33 -39.62
C GLN A 457 -7.21 -26.58 -38.17
N SER A 458 -6.98 -25.60 -37.29
CA SER A 458 -7.44 -25.56 -35.91
C SER A 458 -6.99 -26.79 -35.12
N LEU A 459 -5.68 -26.88 -34.94
CA LEU A 459 -5.09 -28.09 -34.36
C LEU A 459 -5.25 -28.12 -32.85
N LEU A 460 -5.46 -29.31 -32.32
CA LEU A 460 -5.46 -29.56 -30.88
C LEU A 460 -4.03 -29.71 -30.40
N ILE A 461 -3.78 -29.36 -29.13
CA ILE A 461 -2.44 -29.47 -28.55
C ILE A 461 -2.52 -30.35 -27.30
N THR A 462 -3.34 -31.40 -27.32
CA THR A 462 -3.55 -32.23 -26.14
C THR A 462 -2.27 -32.96 -25.72
N GLY A 463 -2.26 -33.39 -24.46
CA GLY A 463 -1.09 -34.04 -23.91
C GLY A 463 -1.20 -34.32 -22.42
N ASN A 464 -0.08 -34.23 -21.72
CA ASN A 464 -0.02 -34.61 -20.33
C ASN A 464 -0.29 -33.39 -19.45
N THR A 465 -0.08 -33.52 -18.13
CA THR A 465 -0.50 -32.48 -17.19
C THR A 465 0.46 -31.29 -17.14
N GLY A 466 1.76 -31.52 -17.28
CA GLY A 466 2.72 -30.45 -17.11
C GLY A 466 3.82 -30.55 -18.14
N THR A 467 3.51 -31.16 -19.26
CA THR A 467 4.47 -31.39 -20.33
C THR A 467 4.70 -30.18 -21.21
N GLY A 468 4.22 -29.01 -20.81
CA GLY A 468 4.42 -27.81 -21.58
C GLY A 468 3.46 -27.73 -22.75
N LYS A 469 2.17 -27.98 -22.49
CA LYS A 469 1.17 -27.75 -23.52
C LYS A 469 1.03 -26.26 -23.78
N THR A 470 0.85 -25.51 -22.69
CA THR A 470 0.69 -24.03 -22.77
C THR A 470 2.03 -23.37 -23.15
N SER A 471 3.16 -24.01 -22.86
CA SER A 471 4.43 -23.35 -23.12
C SER A 471 4.70 -23.17 -24.62
N LEU A 472 4.06 -23.97 -25.46
CA LEU A 472 4.03 -23.67 -26.88
C LEU A 472 3.28 -22.37 -27.14
N LEU A 473 2.15 -22.16 -26.45
CA LEU A 473 1.30 -21.01 -26.71
C LEU A 473 1.91 -19.71 -26.20
N ARG A 474 2.77 -19.80 -25.19
CA ARG A 474 3.37 -18.59 -24.63
C ARG A 474 4.30 -17.92 -25.62
N VAL A 475 5.12 -18.71 -26.33
CA VAL A 475 6.02 -18.11 -27.30
C VAL A 475 5.29 -17.66 -28.54
N LEU A 476 4.06 -18.14 -28.76
CA LEU A 476 3.27 -17.59 -29.85
C LEU A 476 2.75 -16.21 -29.49
N GLY A 477 2.54 -15.95 -28.22
CA GLY A 477 2.11 -14.65 -27.74
C GLY A 477 3.24 -13.74 -27.36
N GLY A 478 4.48 -14.12 -27.63
CA GLY A 478 5.62 -13.33 -27.24
C GLY A 478 5.88 -13.31 -25.76
N LEU A 479 5.33 -14.27 -25.02
CA LEU A 479 5.52 -14.31 -23.58
C LEU A 479 6.92 -14.78 -23.26
N TRP A 480 7.25 -15.98 -23.70
CA TRP A 480 8.59 -16.51 -23.56
C TRP A 480 9.30 -16.46 -24.89
N THR A 481 10.61 -16.70 -24.85
CA THR A 481 11.40 -16.92 -26.04
C THR A 481 11.91 -18.36 -26.02
N SER A 482 12.00 -18.95 -27.21
CA SER A 482 12.58 -20.27 -27.32
C SER A 482 14.07 -20.21 -27.01
N THR A 483 14.57 -21.27 -26.36
CA THR A 483 15.99 -21.32 -26.06
C THR A 483 16.81 -21.51 -27.33
N ARG A 484 16.43 -22.48 -28.16
CA ARG A 484 17.04 -22.71 -29.46
C ARG A 484 15.91 -22.93 -30.46
N GLY A 485 15.69 -21.98 -31.33
CA GLY A 485 14.65 -22.13 -32.34
C GLY A 485 14.21 -20.79 -32.87
N SER A 486 13.40 -20.85 -33.91
CA SER A 486 12.87 -19.67 -34.59
C SER A 486 11.36 -19.74 -34.58
N VAL A 487 10.73 -18.75 -33.95
CA VAL A 487 9.27 -18.61 -33.90
C VAL A 487 8.91 -17.28 -34.55
N GLN A 488 7.81 -17.28 -35.30
CA GLN A 488 7.29 -16.06 -35.89
C GLN A 488 5.80 -16.25 -36.14
N MET A 489 5.10 -15.14 -36.26
CA MET A 489 3.71 -15.15 -36.66
C MET A 489 3.54 -14.38 -37.96
N LEU A 490 2.59 -14.81 -38.76
CA LEU A 490 2.32 -14.20 -40.05
C LEU A 490 1.04 -13.38 -40.04
N THR A 491 0.36 -13.30 -38.90
CA THR A 491 -0.82 -12.48 -38.75
C THR A 491 -0.67 -11.62 -37.51
N ASP A 492 -1.06 -10.36 -37.62
CA ASP A 492 -0.93 -9.43 -36.51
C ASP A 492 -1.97 -9.72 -35.45
N PHE A 493 -1.66 -9.31 -34.22
CA PHE A 493 -2.63 -9.40 -33.15
C PHE A 493 -3.73 -8.37 -33.36
N GLY A 494 -4.96 -8.76 -33.04
CA GLY A 494 -6.07 -7.84 -33.13
C GLY A 494 -7.41 -8.51 -33.08
N PRO A 495 -8.45 -7.79 -33.49
CA PRO A 495 -9.81 -8.36 -33.52
C PRO A 495 -9.94 -9.46 -34.56
N HIS A 496 -9.60 -9.13 -35.81
CA HIS A 496 -9.68 -10.08 -36.91
C HIS A 496 -8.36 -10.74 -37.20
N GLY A 497 -7.38 -10.61 -36.31
CA GLY A 497 -6.07 -11.17 -36.54
C GLY A 497 -5.87 -12.47 -35.81
N VAL A 498 -5.21 -12.41 -34.66
CA VAL A 498 -4.98 -13.57 -33.82
C VAL A 498 -5.27 -13.18 -32.38
N LEU A 499 -6.07 -13.99 -31.69
CA LEU A 499 -6.50 -13.67 -30.34
C LEU A 499 -6.28 -14.89 -29.45
N PHE A 500 -5.63 -14.66 -28.32
CA PHE A 500 -5.34 -15.71 -27.38
C PHE A 500 -6.43 -15.81 -26.33
N LEU A 501 -6.50 -16.97 -25.70
CA LEU A 501 -7.30 -17.15 -24.51
C LEU A 501 -6.41 -17.86 -23.49
N PRO A 502 -6.26 -17.32 -22.30
CA PRO A 502 -5.38 -17.92 -21.30
C PRO A 502 -6.06 -19.09 -20.60
N GLN A 503 -5.23 -19.85 -19.86
CA GLN A 503 -5.71 -21.03 -19.15
C GLN A 503 -6.60 -20.60 -18.00
N LYS A 504 -6.09 -19.78 -17.11
CA LYS A 504 -6.96 -19.06 -16.19
C LYS A 504 -7.37 -17.75 -16.82
N PRO A 505 -8.65 -17.43 -16.90
CA PRO A 505 -9.08 -16.31 -17.72
C PRO A 505 -8.92 -14.98 -17.00
N PHE A 506 -8.92 -13.91 -17.78
CA PHE A 506 -8.74 -12.56 -17.27
C PHE A 506 -10.03 -11.78 -17.35
N PHE A 507 -10.27 -10.96 -16.32
CA PHE A 507 -11.34 -9.97 -16.34
C PHE A 507 -10.84 -8.73 -15.63
N THR A 508 -10.83 -7.61 -16.34
CA THR A 508 -10.41 -6.39 -15.70
C THR A 508 -11.58 -5.75 -14.96
N ASP A 509 -11.27 -4.72 -14.18
CA ASP A 509 -12.32 -3.88 -13.63
C ASP A 509 -12.96 -3.07 -14.74
N GLY A 510 -14.28 -3.02 -14.75
CA GLY A 510 -14.98 -2.25 -15.75
C GLY A 510 -16.37 -2.80 -16.00
N THR A 511 -17.03 -2.20 -16.97
CA THR A 511 -18.38 -2.61 -17.32
C THR A 511 -18.36 -3.90 -18.11
N LEU A 512 -19.54 -4.50 -18.27
CA LEU A 512 -19.68 -5.70 -19.07
C LEU A 512 -19.34 -5.44 -20.52
N ARG A 513 -19.60 -4.22 -21.00
CA ARG A 513 -19.16 -3.83 -22.34
C ARG A 513 -17.64 -3.84 -22.44
N GLU A 514 -16.94 -3.51 -21.36
CA GLU A 514 -15.48 -3.55 -21.40
C GLU A 514 -14.93 -4.93 -21.17
N GLN A 515 -15.69 -5.82 -20.52
CA GLN A 515 -15.21 -7.17 -20.28
C GLN A 515 -15.23 -8.05 -21.52
N VAL A 516 -15.83 -7.58 -22.61
CA VAL A 516 -15.96 -8.40 -23.81
C VAL A 516 -15.17 -7.85 -24.99
N ILE A 517 -14.80 -6.58 -24.97
CA ILE A 517 -13.98 -6.04 -26.05
C ILE A 517 -12.59 -5.81 -25.48
N TYR A 518 -12.23 -6.61 -24.47
CA TYR A 518 -11.18 -6.24 -23.52
C TYR A 518 -9.80 -5.96 -24.14
N PRO A 519 -9.28 -6.67 -25.13
CA PRO A 519 -8.05 -6.20 -25.76
C PRO A 519 -8.19 -4.94 -26.60
N LEU A 520 -9.40 -4.37 -26.76
CA LEU A 520 -9.58 -3.19 -27.60
C LEU A 520 -9.94 -1.94 -26.82
N LYS A 521 -10.46 -2.07 -25.60
CA LYS A 521 -10.65 -1.06 -24.55
C LYS A 521 -11.63 0.07 -24.89
N GLU A 522 -12.10 0.14 -26.14
CA GLU A 522 -13.10 1.07 -26.62
C GLU A 522 -13.46 0.66 -28.04
N VAL A 523 -14.74 0.78 -28.39
CA VAL A 523 -15.22 0.27 -29.66
C VAL A 523 -15.87 1.33 -30.53
N TYR A 524 -16.40 2.41 -29.96
CA TYR A 524 -17.19 3.37 -30.74
C TYR A 524 -16.32 4.25 -31.67
N PRO A 525 -15.11 4.69 -31.29
CA PRO A 525 -14.19 5.16 -32.33
C PRO A 525 -13.66 4.06 -33.21
N ASP A 526 -13.63 2.82 -32.73
CA ASP A 526 -13.12 1.72 -33.55
C ASP A 526 -14.16 1.25 -34.56
N SER A 527 -15.40 1.09 -34.13
CA SER A 527 -16.46 0.61 -35.02
C SER A 527 -17.19 1.74 -35.72
N GLY A 528 -17.66 2.73 -34.96
CA GLY A 528 -18.45 3.81 -35.50
C GLY A 528 -19.94 3.55 -35.46
N SER A 529 -20.37 2.29 -35.55
CA SER A 529 -21.78 1.96 -35.52
C SER A 529 -22.34 2.16 -34.11
N ALA A 530 -23.53 2.75 -34.04
CA ALA A 530 -24.08 3.12 -32.74
C ALA A 530 -24.61 1.90 -32.00
N ASP A 531 -25.33 1.03 -32.68
CA ASP A 531 -25.96 -0.11 -32.02
C ASP A 531 -24.92 -1.19 -31.75
N ASP A 532 -24.94 -1.72 -30.54
CA ASP A 532 -24.06 -2.80 -30.11
C ASP A 532 -24.87 -4.06 -29.86
N GLU A 533 -25.80 -4.36 -30.77
CA GLU A 533 -26.60 -5.58 -30.70
C GLU A 533 -25.78 -6.83 -30.96
N ARG A 534 -24.55 -6.68 -31.47
CA ARG A 534 -23.67 -7.81 -31.70
C ARG A 534 -23.29 -8.49 -30.39
N ILE A 535 -22.94 -7.71 -29.37
CA ILE A 535 -22.55 -8.33 -28.11
C ILE A 535 -23.76 -8.86 -27.35
N LEU A 536 -24.91 -8.18 -27.41
CA LEU A 536 -26.11 -8.71 -26.79
C LEU A 536 -26.61 -9.95 -27.53
N ARG A 537 -26.28 -10.10 -28.80
CA ARG A 537 -26.48 -11.37 -29.47
C ARG A 537 -25.53 -12.41 -28.93
N PHE A 538 -24.24 -12.06 -28.81
CA PHE A 538 -23.22 -13.06 -28.51
C PHE A 538 -23.26 -13.52 -27.07
N LEU A 539 -23.81 -12.70 -26.16
CA LEU A 539 -23.89 -13.12 -24.77
C LEU A 539 -24.92 -14.23 -24.59
N GLU A 540 -26.10 -14.05 -25.17
CA GLU A 540 -27.08 -15.13 -25.19
C GLU A 540 -26.64 -16.27 -26.11
N LEU A 541 -25.86 -15.95 -27.14
CA LEU A 541 -25.28 -17.01 -27.96
C LEU A 541 -24.25 -17.80 -27.19
N ALA A 542 -23.52 -17.15 -26.29
CA ALA A 542 -22.70 -17.89 -25.35
C ALA A 542 -23.49 -18.36 -24.14
N GLY A 543 -24.69 -17.82 -23.94
CA GLY A 543 -25.63 -18.35 -22.96
C GLY A 543 -25.78 -17.52 -21.71
N LEU A 544 -24.84 -16.63 -21.43
CA LEU A 544 -24.83 -15.90 -20.16
C LEU A 544 -25.54 -14.54 -20.25
N SER A 545 -26.74 -14.53 -20.85
CA SER A 545 -27.49 -13.28 -20.87
C SER A 545 -28.23 -13.02 -19.58
N ASN A 546 -28.29 -13.98 -18.67
CA ASN A 546 -28.77 -13.73 -17.32
C ASN A 546 -27.79 -12.90 -16.51
N LEU A 547 -26.55 -12.76 -16.99
CA LEU A 547 -25.59 -11.89 -16.33
C LEU A 547 -25.91 -10.42 -16.56
N VAL A 548 -26.55 -10.09 -17.69
CA VAL A 548 -26.79 -8.70 -18.05
C VAL A 548 -27.77 -8.06 -17.09
N ALA A 549 -28.73 -8.84 -16.58
CA ALA A 549 -29.60 -8.33 -15.53
C ALA A 549 -28.87 -8.20 -14.20
N ARG A 550 -27.81 -8.99 -14.02
CA ARG A 550 -27.00 -8.96 -12.78
C ARG A 550 -26.16 -7.69 -12.74
N THR A 551 -25.65 -7.25 -13.90
CA THR A 551 -24.83 -6.07 -14.00
C THR A 551 -25.62 -4.84 -14.44
N GLU A 552 -26.96 -4.95 -14.48
CA GLU A 552 -27.88 -3.82 -14.66
C GLU A 552 -27.65 -3.10 -15.99
N GLY A 553 -27.43 -3.87 -17.05
CA GLY A 553 -27.13 -3.28 -18.33
C GLY A 553 -25.65 -3.24 -18.62
N LEU A 554 -25.19 -2.21 -19.33
CA LEU A 554 -23.79 -2.08 -19.68
C LEU A 554 -23.19 -0.82 -19.06
N ASP A 555 -23.53 -0.57 -17.80
CA ASP A 555 -23.23 0.71 -17.18
C ASP A 555 -21.90 0.69 -16.46
N GLN A 556 -21.38 1.89 -16.20
CA GLN A 556 -20.05 2.09 -15.66
C GLN A 556 -19.99 1.66 -14.21
N GLN A 557 -18.83 1.14 -13.80
CA GLN A 557 -18.44 0.92 -12.40
C GLN A 557 -19.37 -0.08 -11.72
N VAL A 558 -19.23 -1.32 -12.15
CA VAL A 558 -20.02 -2.43 -11.62
C VAL A 558 -19.73 -2.71 -10.13
N ASP A 559 -18.61 -2.21 -9.61
CA ASP A 559 -18.15 -2.42 -8.22
C ASP A 559 -18.01 -3.90 -7.88
N TRP A 560 -17.55 -4.69 -8.82
CA TRP A 560 -17.33 -6.11 -8.60
C TRP A 560 -15.84 -6.43 -8.68
N ASN A 561 -15.52 -7.67 -8.33
CA ASN A 561 -14.18 -8.16 -8.54
C ASN A 561 -14.06 -8.97 -9.80
N TRP A 562 -15.19 -9.39 -10.39
CA TRP A 562 -15.32 -10.20 -11.60
C TRP A 562 -14.67 -11.57 -11.50
N TYR A 563 -14.21 -11.97 -10.31
CA TYR A 563 -13.60 -13.27 -10.10
C TYR A 563 -14.36 -14.09 -9.07
N ASP A 564 -14.64 -13.49 -7.94
CA ASP A 564 -15.46 -14.16 -6.94
C ASP A 564 -16.94 -14.07 -7.25
N VAL A 565 -17.38 -12.92 -7.78
CA VAL A 565 -18.79 -12.75 -8.10
C VAL A 565 -19.17 -13.57 -9.33
N LEU A 566 -18.26 -13.69 -10.30
CA LEU A 566 -18.53 -14.57 -11.42
C LEU A 566 -18.21 -16.01 -11.07
N SER A 567 -18.17 -16.80 -12.06
CA SER A 567 -18.03 -18.22 -11.95
C SER A 567 -17.13 -18.79 -13.02
N PRO A 568 -16.27 -19.76 -12.68
CA PRO A 568 -15.46 -20.42 -13.71
C PRO A 568 -16.26 -21.17 -14.75
N GLY A 569 -17.54 -21.48 -14.48
CA GLY A 569 -18.41 -21.89 -15.57
C GLY A 569 -18.65 -20.76 -16.55
N GLU A 570 -18.87 -19.56 -16.05
CA GLU A 570 -19.16 -18.43 -16.92
C GLU A 570 -17.99 -17.48 -17.07
N MET A 571 -16.87 -17.74 -16.41
CA MET A 571 -15.63 -17.07 -16.78
C MET A 571 -15.22 -17.48 -18.18
N GLN A 572 -15.39 -18.77 -18.51
CA GLN A 572 -15.11 -19.25 -19.85
C GLN A 572 -16.10 -18.69 -20.85
N ARG A 573 -17.38 -18.64 -20.49
CA ARG A 573 -18.39 -18.17 -21.42
C ARG A 573 -18.28 -16.68 -21.66
N LEU A 574 -17.82 -15.92 -20.66
CA LEU A 574 -17.53 -14.52 -20.91
C LEU A 574 -16.23 -14.36 -21.66
N SER A 575 -15.30 -15.30 -21.53
CA SER A 575 -14.12 -15.28 -22.37
C SER A 575 -14.46 -15.65 -23.80
N PHE A 576 -15.47 -16.50 -23.99
CA PHE A 576 -15.84 -16.89 -25.34
C PHE A 576 -16.62 -15.79 -26.04
N ALA A 577 -17.44 -15.04 -25.31
CA ALA A 577 -18.09 -13.88 -25.87
C ALA A 577 -17.07 -12.79 -26.21
N ARG A 578 -15.98 -12.74 -25.46
CA ARG A 578 -14.85 -11.90 -25.84
C ARG A 578 -14.20 -12.40 -27.12
N LEU A 579 -14.14 -13.71 -27.30
CA LEU A 579 -13.61 -14.26 -28.54
C LEU A 579 -14.59 -14.12 -29.68
N PHE A 580 -15.89 -14.22 -29.41
CA PHE A 580 -16.88 -14.16 -30.49
C PHE A 580 -17.00 -12.74 -31.03
N TYR A 581 -16.88 -11.74 -30.15
CA TYR A 581 -16.87 -10.35 -30.60
C TYR A 581 -15.67 -10.08 -31.48
N LEU A 582 -14.48 -10.42 -30.99
CA LEU A 582 -13.26 -10.15 -31.72
C LEU A 582 -12.86 -11.41 -32.49
N GLN A 583 -13.69 -11.77 -33.45
CA GLN A 583 -13.50 -13.05 -34.13
C GLN A 583 -12.26 -12.98 -35.01
N PRO A 584 -11.27 -13.82 -34.77
CA PRO A 584 -10.02 -13.71 -35.52
C PRO A 584 -9.98 -14.64 -36.71
N LYS A 585 -8.94 -14.53 -37.52
CA LYS A 585 -8.66 -15.60 -38.46
C LYS A 585 -8.07 -16.81 -37.77
N TYR A 586 -7.49 -16.63 -36.58
CA TYR A 586 -6.95 -17.71 -35.78
C TYR A 586 -7.16 -17.39 -34.31
N ALA A 587 -7.92 -18.23 -33.61
CA ALA A 587 -8.02 -18.14 -32.17
C ALA A 587 -7.04 -19.10 -31.53
N VAL A 588 -6.42 -18.69 -30.43
CA VAL A 588 -5.41 -19.53 -29.79
C VAL A 588 -5.99 -19.91 -28.44
N LEU A 589 -7.27 -20.27 -28.48
CA LEU A 589 -8.08 -20.80 -27.39
C LEU A 589 -7.34 -21.83 -26.54
N ASP A 590 -7.61 -21.84 -25.24
CA ASP A 590 -6.89 -22.75 -24.34
C ASP A 590 -7.79 -23.08 -23.16
N GLN A 591 -8.06 -24.38 -22.99
CA GLN A 591 -8.73 -24.95 -21.82
C GLN A 591 -10.10 -24.32 -21.61
N ALA A 592 -11.00 -24.63 -22.54
CA ALA A 592 -12.41 -24.27 -22.43
C ALA A 592 -13.19 -25.27 -21.57
N THR A 593 -12.68 -25.50 -20.36
CA THR A 593 -13.24 -26.46 -19.43
C THR A 593 -14.34 -25.79 -18.61
N SER A 594 -14.84 -26.51 -17.60
CA SER A 594 -15.95 -26.09 -16.74
C SER A 594 -17.20 -25.75 -17.58
N ALA A 595 -17.37 -26.47 -18.68
CA ALA A 595 -18.54 -26.35 -19.52
C ALA A 595 -18.86 -27.74 -20.04
N LEU A 596 -20.13 -27.98 -20.31
CA LEU A 596 -20.62 -29.31 -20.62
C LEU A 596 -20.09 -29.77 -21.98
N THR A 597 -19.46 -30.95 -21.99
CA THR A 597 -18.57 -31.38 -23.07
C THR A 597 -19.27 -31.55 -24.41
N GLU A 598 -20.53 -31.96 -24.42
CA GLU A 598 -21.27 -32.07 -25.66
C GLU A 598 -22.41 -31.08 -25.77
N GLU A 599 -22.79 -30.44 -24.66
CA GLU A 599 -23.94 -29.57 -24.64
C GLU A 599 -23.58 -28.13 -24.94
N VAL A 600 -22.53 -27.60 -24.31
CA VAL A 600 -22.17 -26.21 -24.52
C VAL A 600 -20.69 -26.02 -24.83
N GLU A 601 -19.81 -26.97 -24.51
CA GLU A 601 -18.44 -26.89 -25.02
C GLU A 601 -18.43 -27.10 -26.53
N SER A 602 -19.23 -28.04 -27.02
CA SER A 602 -19.38 -28.19 -28.46
C SER A 602 -20.13 -27.02 -29.07
N GLU A 603 -21.13 -26.50 -28.34
CA GLU A 603 -21.96 -25.43 -28.88
C GLU A 603 -21.18 -24.12 -28.97
N LEU A 604 -20.27 -23.88 -28.03
CA LEU A 604 -19.39 -22.72 -28.16
C LEU A 604 -18.41 -22.89 -29.31
N TYR A 605 -18.04 -24.12 -29.62
CA TYR A 605 -17.19 -24.35 -30.77
C TYR A 605 -17.95 -24.30 -32.08
N ARG A 606 -19.27 -24.56 -32.05
CA ARG A 606 -20.10 -24.45 -33.25
C ARG A 606 -20.14 -23.02 -33.78
N ILE A 607 -20.01 -22.03 -32.89
CA ILE A 607 -19.92 -20.65 -33.33
C ILE A 607 -18.57 -20.37 -33.94
N GLY A 608 -17.56 -21.19 -33.66
CA GLY A 608 -16.24 -20.99 -34.24
C GLY A 608 -16.21 -21.26 -35.73
N GLN A 609 -16.75 -22.41 -36.14
CA GLN A 609 -16.83 -22.67 -37.59
C GLN A 609 -17.88 -21.79 -38.24
N GLN A 610 -18.91 -21.39 -37.49
CA GLN A 610 -19.92 -20.50 -38.05
C GLN A 610 -19.37 -19.10 -38.27
N LEU A 611 -18.37 -18.70 -37.48
CA LEU A 611 -17.70 -17.42 -37.68
C LEU A 611 -16.38 -17.57 -38.43
N GLY A 612 -15.92 -18.81 -38.66
CA GLY A 612 -14.68 -19.04 -39.36
C GLY A 612 -13.49 -18.61 -38.53
N MET A 613 -13.27 -19.28 -37.41
CA MET A 613 -12.29 -18.83 -36.44
C MET A 613 -10.96 -19.56 -36.50
N THR A 614 -10.98 -20.87 -36.79
CA THR A 614 -9.80 -21.73 -36.86
C THR A 614 -9.02 -21.69 -35.54
N PHE A 615 -9.64 -22.26 -34.53
CA PHE A 615 -9.15 -22.13 -33.16
C PHE A 615 -8.18 -23.26 -32.84
N ILE A 616 -6.90 -22.91 -32.73
CA ILE A 616 -5.90 -23.83 -32.21
C ILE A 616 -6.05 -23.92 -30.69
N SER A 617 -6.48 -25.09 -30.21
CA SER A 617 -6.93 -25.22 -28.83
C SER A 617 -6.12 -26.24 -28.06
N VAL A 618 -6.24 -26.16 -26.74
CA VAL A 618 -5.62 -27.12 -25.83
C VAL A 618 -6.74 -27.76 -25.02
N GLY A 619 -6.82 -29.07 -25.06
CA GLY A 619 -7.79 -29.76 -24.26
C GLY A 619 -7.67 -31.25 -24.39
N HIS A 620 -7.63 -31.94 -23.26
CA HIS A 620 -7.57 -33.39 -23.21
C HIS A 620 -8.97 -33.93 -22.90
N ARG A 621 -9.86 -33.74 -23.85
CA ARG A 621 -11.24 -34.19 -23.74
C ARG A 621 -11.61 -34.93 -25.01
N GLN A 622 -12.42 -35.97 -24.86
CA GLN A 622 -12.85 -36.78 -26.00
C GLN A 622 -14.12 -36.22 -26.64
N SER A 623 -14.06 -34.92 -26.92
CA SER A 623 -15.06 -34.28 -27.77
C SER A 623 -14.46 -33.26 -28.71
N LEU A 624 -13.22 -32.83 -28.51
CA LEU A 624 -12.65 -31.74 -29.27
C LEU A 624 -12.17 -32.20 -30.64
N GLU A 625 -11.98 -33.50 -30.85
CA GLU A 625 -11.33 -33.99 -32.05
C GLU A 625 -12.21 -33.87 -33.30
N LYS A 626 -13.53 -33.69 -33.13
CA LYS A 626 -14.37 -33.45 -34.29
C LYS A 626 -14.20 -32.05 -34.85
N PHE A 627 -13.73 -31.10 -34.05
CA PHE A 627 -13.47 -29.75 -34.52
C PHE A 627 -12.04 -29.56 -34.98
N HIS A 628 -11.14 -30.50 -34.70
CA HIS A 628 -9.72 -30.28 -34.81
C HIS A 628 -9.10 -31.25 -35.81
N SER A 629 -8.18 -30.73 -36.62
CA SER A 629 -7.50 -31.60 -37.57
C SER A 629 -6.37 -32.37 -36.90
N LEU A 630 -5.35 -31.68 -36.42
CA LEU A 630 -4.21 -32.36 -35.82
C LEU A 630 -4.44 -32.60 -34.34
N VAL A 631 -3.52 -33.34 -33.71
CA VAL A 631 -3.65 -33.78 -32.34
C VAL A 631 -2.49 -33.28 -31.47
N LEU A 632 -1.25 -33.49 -31.94
CA LEU A 632 -0.01 -32.96 -31.35
C LEU A 632 0.16 -33.44 -29.91
N LYS A 633 0.35 -34.75 -29.77
CA LYS A 633 0.64 -35.32 -28.45
C LYS A 633 1.98 -34.83 -27.94
N LEU A 634 2.14 -34.80 -26.62
CA LEU A 634 3.35 -34.28 -25.99
C LEU A 634 3.82 -35.17 -24.83
N CYS A 635 3.57 -36.48 -24.91
CA CYS A 635 3.84 -37.37 -23.79
C CYS A 635 5.32 -37.63 -23.62
N GLY A 636 6.01 -36.76 -22.89
CA GLY A 636 7.41 -36.96 -22.60
C GLY A 636 8.22 -35.67 -22.58
N GLY A 637 9.49 -35.77 -22.22
CA GLY A 637 10.35 -34.61 -22.17
C GLY A 637 10.82 -34.14 -23.53
N GLY A 638 9.88 -33.65 -24.34
CA GLY A 638 10.16 -33.27 -25.70
C GLY A 638 9.71 -34.35 -26.66
N ARG A 639 8.52 -34.18 -27.22
CA ARG A 639 7.92 -35.16 -28.11
C ARG A 639 7.14 -34.42 -29.18
N TRP A 640 6.87 -35.10 -30.29
CA TRP A 640 6.34 -34.40 -31.48
C TRP A 640 4.94 -34.86 -31.87
N GLU A 641 4.78 -36.11 -32.33
CA GLU A 641 3.51 -36.84 -32.57
C GLU A 641 2.39 -36.01 -33.20
N LEU A 642 2.61 -35.53 -34.41
CA LEU A 642 1.53 -34.88 -35.16
C LEU A 642 0.73 -35.96 -35.89
N MET A 643 -0.57 -36.05 -35.57
CA MET A 643 -1.36 -37.22 -35.95
C MET A 643 -2.35 -36.97 -37.08
N ARG A 644 -3.03 -35.83 -37.09
CA ARG A 644 -4.10 -35.48 -38.04
C ARG A 644 -5.23 -36.52 -37.99
N ILE A 645 -5.92 -36.54 -36.84
CA ILE A 645 -7.04 -37.44 -36.66
C ILE A 645 -8.21 -37.02 -37.54
N LYS A 646 -9.05 -37.98 -37.91
CA LYS A 646 -10.22 -37.72 -38.75
C LYS A 646 -11.45 -38.45 -38.22
N ARG B 55 -20.27 10.85 5.90
CA ARG B 55 -20.25 9.98 7.07
C ARG B 55 -18.97 10.09 7.94
N PRO B 56 -17.74 10.13 7.34
CA PRO B 56 -16.61 10.41 8.27
C PRO B 56 -16.44 11.90 8.55
N ARG B 57 -17.19 12.41 9.52
CA ARG B 57 -17.37 13.86 9.64
C ARG B 57 -16.89 14.42 10.98
N LEU B 58 -15.94 13.73 11.64
CA LEU B 58 -15.28 14.21 12.86
C LEU B 58 -16.28 14.48 13.98
N ASP B 59 -17.28 13.62 14.09
CA ASP B 59 -18.39 13.86 14.99
C ASP B 59 -18.05 13.34 16.38
N LEU B 60 -19.05 13.24 17.23
CA LEU B 60 -18.90 12.63 18.53
C LEU B 60 -18.81 11.11 18.44
N GLN B 61 -19.10 10.54 17.26
CA GLN B 61 -18.90 9.12 17.00
C GLN B 61 -17.42 8.78 16.86
N PHE B 62 -16.65 9.71 16.28
CA PHE B 62 -15.22 9.53 16.03
C PHE B 62 -14.44 9.23 17.31
N LEU B 63 -14.87 9.81 18.43
CA LEU B 63 -14.16 9.58 19.69
C LEU B 63 -14.34 8.14 20.16
N GLN B 64 -15.51 7.55 19.98
CA GLN B 64 -15.64 6.13 20.29
C GLN B 64 -14.89 5.28 19.29
N ARG B 65 -14.78 5.74 18.04
CA ARG B 65 -13.92 5.05 17.08
C ARG B 65 -12.46 5.28 17.37
N PHE B 66 -12.12 6.32 18.11
CA PHE B 66 -10.73 6.56 18.50
C PHE B 66 -10.41 5.92 19.83
N LEU B 67 -11.35 5.90 20.77
CA LEU B 67 -11.06 5.33 22.08
C LEU B 67 -11.02 3.82 22.02
N GLN B 68 -11.93 3.21 21.25
CA GLN B 68 -11.89 1.77 21.08
C GLN B 68 -10.69 1.32 20.27
N ILE B 69 -10.11 2.21 19.48
CA ILE B 69 -8.77 1.95 18.94
C ILE B 69 -7.74 2.10 20.04
N LEU B 70 -7.85 3.15 20.84
CA LEU B 70 -6.89 3.37 21.92
C LEU B 70 -7.08 2.40 23.07
N LYS B 71 -8.21 1.70 23.13
CA LYS B 71 -8.37 0.67 24.14
C LYS B 71 -7.53 -0.57 23.83
N VAL B 72 -7.09 -0.74 22.59
CA VAL B 72 -6.27 -1.88 22.23
C VAL B 72 -4.83 -1.47 21.91
N LEU B 73 -4.57 -0.21 21.58
CA LEU B 73 -3.20 0.28 21.54
C LEU B 73 -2.60 0.27 22.94
N PHE B 74 -3.33 0.83 23.90
CA PHE B 74 -3.03 0.69 25.31
C PHE B 74 -4.04 -0.28 25.88
N PRO B 75 -3.70 -1.57 26.03
CA PRO B 75 -4.71 -2.51 26.56
C PRO B 75 -4.96 -2.34 28.04
N SER B 76 -3.91 -2.13 28.82
CA SER B 76 -4.02 -1.92 30.26
C SER B 76 -2.76 -1.22 30.71
N TRP B 77 -2.69 -0.93 31.99
CA TRP B 77 -1.46 -0.41 32.55
C TRP B 77 -0.43 -1.53 32.63
N SER B 78 0.84 -1.12 32.69
CA SER B 78 2.00 -2.01 32.64
C SER B 78 2.00 -2.88 31.37
N SER B 79 1.56 -2.30 30.26
CA SER B 79 1.62 -2.98 28.99
C SER B 79 2.93 -2.66 28.29
N GLN B 80 3.10 -3.18 27.08
CA GLN B 80 4.31 -2.91 26.33
C GLN B 80 4.28 -1.55 25.65
N ASN B 81 3.15 -0.84 25.72
CA ASN B 81 3.05 0.51 25.18
C ASN B 81 2.91 1.57 26.25
N ALA B 82 2.19 1.28 27.34
CA ALA B 82 2.06 2.24 28.41
C ALA B 82 3.38 2.42 29.15
N LEU B 83 4.12 1.32 29.35
CA LEU B 83 5.47 1.42 29.86
C LEU B 83 6.46 1.94 28.81
N MET B 84 6.06 1.99 27.55
CA MET B 84 6.79 2.80 26.59
C MET B 84 6.26 4.23 26.54
N PHE B 85 5.06 4.46 27.07
CA PHE B 85 4.53 5.80 27.15
C PHE B 85 4.97 6.52 28.41
N LEU B 86 5.21 5.78 29.50
CA LEU B 86 5.68 6.41 30.71
C LEU B 86 7.14 6.82 30.60
N THR B 87 7.93 6.12 29.80
CA THR B 87 9.27 6.57 29.47
C THR B 87 9.27 7.53 28.31
N LEU B 88 8.10 7.93 27.83
CA LEU B 88 7.96 9.05 26.92
C LEU B 88 7.54 10.31 27.65
N LEU B 89 6.67 10.19 28.65
CA LEU B 89 6.36 11.32 29.51
C LEU B 89 7.56 11.74 30.34
N CYS B 90 8.22 10.77 30.98
CA CYS B 90 9.38 11.04 31.82
C CYS B 90 10.65 11.29 31.02
N LEU B 91 10.56 11.40 29.70
CA LEU B 91 11.67 11.80 28.86
C LEU B 91 11.54 13.20 28.33
N THR B 92 10.34 13.59 27.91
CA THR B 92 10.13 14.98 27.55
C THR B 92 10.03 15.88 28.79
N LEU B 93 9.70 15.31 29.94
CA LEU B 93 9.79 16.07 31.18
C LEU B 93 11.23 16.37 31.53
N LEU B 94 12.11 15.39 31.31
CA LEU B 94 13.51 15.62 31.58
C LEU B 94 14.13 16.56 30.56
N GLU B 95 13.70 16.48 29.31
CA GLU B 95 14.25 17.35 28.29
C GLU B 95 13.71 18.76 28.37
N GLN B 96 12.57 18.97 29.04
CA GLN B 96 12.11 20.33 29.23
C GLN B 96 12.95 21.06 30.27
N PHE B 97 13.45 20.33 31.26
CA PHE B 97 14.38 20.91 32.22
C PHE B 97 15.72 21.22 31.57
N VAL B 98 16.15 20.37 30.65
CA VAL B 98 17.46 20.54 30.02
C VAL B 98 17.43 21.69 29.03
N ILE B 99 16.32 21.81 28.28
CA ILE B 99 16.19 22.85 27.25
C ILE B 99 16.18 24.24 27.89
N TYR B 100 15.53 24.37 29.03
CA TYR B 100 15.61 25.62 29.78
C TYR B 100 16.99 25.81 30.39
N GLN B 101 17.62 24.72 30.84
CA GLN B 101 18.96 24.83 31.43
C GLN B 101 19.99 25.15 30.36
N VAL B 102 19.82 24.59 29.16
CA VAL B 102 20.70 24.99 28.05
C VAL B 102 20.23 26.31 27.44
N GLY B 103 19.01 26.74 27.76
CA GLY B 103 18.59 28.07 27.39
C GLY B 103 19.24 29.17 28.20
N LEU B 104 19.89 28.82 29.31
CA LEU B 104 20.61 29.77 30.13
C LEU B 104 22.11 29.83 29.82
N ILE B 105 22.63 28.85 29.11
CA ILE B 105 24.05 28.79 28.74
C ILE B 105 24.50 29.97 27.88
N PRO B 106 23.78 30.42 26.83
CA PRO B 106 24.25 31.63 26.15
C PRO B 106 24.07 32.90 26.96
N SER B 107 23.12 32.92 27.90
CA SER B 107 22.95 34.11 28.73
C SER B 107 24.10 34.28 29.71
N GLN B 108 24.52 33.18 30.36
CA GLN B 108 25.69 33.22 31.24
C GLN B 108 26.99 32.98 30.50
N TYR B 109 27.00 33.18 29.19
CA TYR B 109 28.21 33.11 28.40
C TYR B 109 28.94 34.45 28.31
N TYR B 110 28.20 35.55 28.21
CA TYR B 110 28.81 36.87 28.11
C TYR B 110 29.56 37.27 29.37
N GLY B 111 29.22 36.69 30.52
CA GLY B 111 29.93 37.01 31.74
C GLY B 111 31.34 36.47 31.75
N VAL B 112 31.55 35.28 31.21
CA VAL B 112 32.89 34.69 31.21
C VAL B 112 33.68 35.09 29.96
N LEU B 113 33.00 35.43 28.87
CA LEU B 113 33.71 36.01 27.74
C LEU B 113 34.00 37.48 27.95
N GLY B 114 33.19 38.18 28.75
CA GLY B 114 33.40 39.57 29.07
C GLY B 114 34.57 39.90 29.97
N ASN B 115 35.36 38.90 30.39
CA ASN B 115 36.54 39.16 31.20
C ASN B 115 37.72 38.25 30.88
N LYS B 116 37.61 37.35 29.89
CA LYS B 116 38.74 36.65 29.27
C LYS B 116 39.52 35.76 30.24
N ASP B 117 38.84 34.80 30.88
CA ASP B 117 39.51 33.79 31.69
C ASP B 117 39.23 32.42 31.10
N LEU B 118 40.25 31.85 30.44
CA LEU B 118 40.07 30.62 29.68
C LEU B 118 39.83 29.41 30.58
N GLU B 119 40.54 29.34 31.71
CA GLU B 119 40.34 28.23 32.63
C GLU B 119 38.99 28.31 33.33
N GLY B 120 38.50 29.52 33.60
CA GLY B 120 37.14 29.69 34.06
C GLY B 120 36.11 29.58 32.96
N PHE B 121 36.56 29.59 31.71
CA PHE B 121 35.73 29.36 30.54
C PHE B 121 35.63 27.89 30.19
N LYS B 122 36.72 27.14 30.39
CA LYS B 122 36.77 25.74 30.02
C LYS B 122 35.81 24.88 30.83
N THR B 123 35.41 25.34 32.01
CA THR B 123 34.35 24.66 32.74
C THR B 123 32.97 24.99 32.19
N LEU B 124 32.81 26.06 31.41
CA LEU B 124 31.48 26.39 30.90
C LEU B 124 31.15 25.58 29.66
N THR B 125 32.09 25.54 28.70
CA THR B 125 31.90 24.73 27.50
C THR B 125 31.79 23.25 27.84
N PHE B 126 32.61 22.79 28.79
CA PHE B 126 32.48 21.41 29.26
C PHE B 126 31.15 21.18 29.96
N LEU B 127 30.61 22.19 30.64
CA LEU B 127 29.25 22.07 31.14
C LEU B 127 28.25 22.14 29.99
N ALA B 128 28.56 22.94 28.96
CA ALA B 128 27.63 23.10 27.85
C ALA B 128 27.60 21.86 26.97
N VAL B 129 28.78 21.33 26.62
CA VAL B 129 28.86 20.17 25.75
C VAL B 129 28.30 18.93 26.43
N MET B 130 28.49 18.82 27.75
CA MET B 130 27.80 17.77 28.51
C MET B 130 26.29 18.00 28.49
N LEU B 131 25.85 19.25 28.51
CA LEU B 131 24.43 19.52 28.41
C LEU B 131 23.91 19.34 27.00
N ILE B 132 24.74 19.59 25.98
CA ILE B 132 24.30 19.42 24.60
C ILE B 132 24.07 17.94 24.29
N VAL B 133 25.06 17.10 24.63
CA VAL B 133 24.89 15.66 24.48
C VAL B 133 23.91 15.08 25.49
N LEU B 134 23.50 15.84 26.49
CA LEU B 134 22.32 15.47 27.25
C LEU B 134 21.05 16.00 26.60
N ASN B 135 21.10 17.19 25.99
CA ASN B 135 19.94 17.68 25.25
C ASN B 135 19.70 16.87 23.99
N SER B 136 20.76 16.29 23.42
CA SER B 136 20.58 15.47 22.23
C SER B 136 19.95 14.14 22.56
N THR B 137 20.58 13.36 23.43
CA THR B 137 20.10 12.03 23.78
C THR B 137 18.85 12.04 24.65
N LEU B 138 18.29 13.20 24.98
CA LEU B 138 16.92 13.26 25.45
C LEU B 138 15.95 13.66 24.35
N LYS B 139 16.38 14.51 23.42
CA LYS B 139 15.53 14.81 22.27
C LYS B 139 15.55 13.66 21.28
N SER B 140 16.70 13.01 21.11
CA SER B 140 16.79 11.92 20.16
C SER B 140 16.07 10.69 20.68
N PHE B 141 16.16 10.44 21.98
CA PHE B 141 15.40 9.35 22.57
C PHE B 141 13.93 9.69 22.68
N ASP B 142 13.58 10.98 22.62
CA ASP B 142 12.17 11.35 22.45
C ASP B 142 11.70 11.02 21.05
N GLN B 143 12.52 11.28 20.04
CA GLN B 143 12.14 10.92 18.68
C GLN B 143 12.20 9.42 18.46
N PHE B 144 13.08 8.73 19.17
CA PHE B 144 13.22 7.29 18.99
C PHE B 144 12.07 6.55 19.64
N THR B 145 11.77 6.86 20.90
CA THR B 145 10.73 6.10 21.59
C THR B 145 9.33 6.46 21.11
N CYS B 146 9.18 7.54 20.34
CA CYS B 146 7.95 7.69 19.58
C CYS B 146 7.94 6.74 18.39
N ASN B 147 9.07 6.63 17.69
CA ASN B 147 9.14 5.68 16.59
C ASN B 147 9.23 4.25 17.07
N LEU B 148 9.64 4.03 18.31
CA LEU B 148 9.47 2.70 18.87
C LEU B 148 8.05 2.51 19.34
N LEU B 149 7.34 3.59 19.64
CA LEU B 149 5.92 3.47 19.95
C LEU B 149 5.11 3.23 18.69
N TYR B 150 5.51 3.86 17.58
CA TYR B 150 4.85 3.66 16.30
C TYR B 150 4.98 2.21 15.84
N VAL B 151 6.15 1.61 16.04
CA VAL B 151 6.31 0.19 15.74
C VAL B 151 5.46 -0.64 16.68
N SER B 152 5.51 -0.34 17.96
CA SER B 152 4.75 -1.14 18.91
C SER B 152 3.29 -0.74 19.02
N TRP B 153 2.85 0.28 18.30
CA TRP B 153 1.41 0.50 18.16
C TRP B 153 0.85 -0.34 17.02
N ARG B 154 1.50 -0.29 15.86
CA ARG B 154 1.00 -1.04 14.72
C ARG B 154 1.20 -2.53 14.88
N LYS B 155 2.09 -2.97 15.77
CA LYS B 155 2.09 -4.38 16.11
C LYS B 155 0.87 -4.74 16.94
N ASP B 156 0.42 -3.83 17.79
CA ASP B 156 -0.71 -4.13 18.65
C ASP B 156 -2.05 -3.82 17.99
N LEU B 157 -2.07 -3.05 16.93
CA LEU B 157 -3.32 -2.74 16.25
C LEU B 157 -3.57 -3.63 15.04
N THR B 158 -2.52 -3.98 14.28
CA THR B 158 -2.71 -4.93 13.20
C THR B 158 -3.02 -6.32 13.73
N GLU B 159 -2.31 -6.76 14.77
CA GLU B 159 -2.60 -8.06 15.35
C GLU B 159 -3.93 -8.08 16.07
N HIS B 160 -4.43 -6.93 16.50
CA HIS B 160 -5.82 -6.88 16.95
C HIS B 160 -6.75 -6.97 15.75
N LEU B 161 -6.36 -6.37 14.63
CA LEU B 161 -7.20 -6.46 13.44
C LEU B 161 -7.08 -7.82 12.77
N HIS B 162 -5.93 -8.49 12.91
CA HIS B 162 -5.80 -9.81 12.31
C HIS B 162 -6.64 -10.83 13.04
N ARG B 163 -6.79 -10.71 14.35
CA ARG B 163 -7.66 -11.62 15.07
C ARG B 163 -9.12 -11.38 14.73
N LEU B 164 -9.45 -10.17 14.30
CA LEU B 164 -10.80 -9.89 13.83
C LEU B 164 -10.97 -10.25 12.36
N TYR B 165 -9.92 -10.11 11.55
CA TYR B 165 -10.04 -10.34 10.12
C TYR B 165 -10.14 -11.83 9.81
N PHE B 166 -9.22 -12.62 10.35
CA PHE B 166 -9.29 -14.07 10.18
C PHE B 166 -10.01 -14.72 11.35
N ARG B 167 -11.20 -14.25 11.71
CA ARG B 167 -11.82 -14.77 12.92
C ARG B 167 -12.53 -16.09 12.66
N GLY B 168 -13.65 -16.07 11.96
CA GLY B 168 -14.14 -17.31 11.42
C GLY B 168 -14.02 -17.38 9.92
N ARG B 169 -14.70 -16.44 9.27
CA ARG B 169 -14.70 -16.33 7.82
C ARG B 169 -14.77 -14.87 7.41
N ALA B 170 -14.27 -13.97 8.24
CA ALA B 170 -14.48 -12.56 8.00
C ALA B 170 -13.60 -12.02 6.89
N TYR B 171 -12.55 -12.74 6.51
CA TYR B 171 -11.83 -12.36 5.30
C TYR B 171 -12.64 -12.70 4.06
N TYR B 172 -13.53 -13.69 4.16
CA TYR B 172 -14.39 -14.02 3.05
C TYR B 172 -15.51 -13.01 2.90
N THR B 173 -16.23 -12.74 4.00
CA THR B 173 -17.44 -11.94 3.91
C THR B 173 -17.16 -10.48 3.60
N LEU B 174 -16.03 -9.94 4.05
CA LEU B 174 -15.72 -8.56 3.71
C LEU B 174 -15.39 -8.40 2.24
N ASN B 175 -14.75 -9.41 1.64
CA ASN B 175 -14.21 -9.24 0.31
C ASN B 175 -15.20 -9.61 -0.78
N VAL B 176 -16.06 -10.59 -0.56
CA VAL B 176 -16.98 -11.04 -1.59
C VAL B 176 -18.44 -10.78 -1.24
N LEU B 177 -18.75 -10.41 0.00
CA LEU B 177 -20.14 -10.24 0.40
C LEU B 177 -20.42 -8.86 0.96
N ARG B 178 -19.49 -7.92 0.81
CA ARG B 178 -19.66 -6.59 1.37
C ARG B 178 -19.16 -5.56 0.37
N ASP B 179 -19.91 -4.48 0.24
CA ASP B 179 -19.50 -3.33 -0.54
C ASP B 179 -19.24 -2.10 0.32
N ASP B 180 -19.67 -2.13 1.58
CA ASP B 180 -19.49 -0.98 2.46
C ASP B 180 -18.02 -0.81 2.84
N ILE B 181 -17.32 -1.92 3.01
CA ILE B 181 -15.92 -1.92 3.40
C ILE B 181 -15.14 -2.37 2.20
N ASP B 182 -14.56 -1.42 1.50
CA ASP B 182 -14.08 -1.64 0.14
C ASP B 182 -12.76 -2.39 0.13
N ASN B 183 -11.73 -1.84 0.79
CA ASN B 183 -10.38 -2.39 0.74
C ASN B 183 -9.91 -2.70 2.14
N PRO B 184 -10.27 -3.86 2.69
CA PRO B 184 -9.78 -4.21 4.03
C PRO B 184 -8.32 -4.58 4.06
N ASP B 185 -7.71 -4.87 2.91
CA ASP B 185 -6.26 -5.02 2.87
C ASP B 185 -5.58 -3.69 3.12
N GLN B 186 -6.13 -2.61 2.59
CA GLN B 186 -5.55 -1.31 2.77
C GLN B 186 -5.77 -0.77 4.16
N ARG B 187 -6.89 -1.12 4.79
CA ARG B 187 -7.14 -0.65 6.13
C ARG B 187 -6.22 -1.33 7.13
N ILE B 188 -5.94 -2.61 6.93
CA ILE B 188 -5.12 -3.35 7.88
C ILE B 188 -3.65 -3.03 7.71
N SER B 189 -3.18 -3.02 6.47
CA SER B 189 -1.76 -2.82 6.21
C SER B 189 -1.36 -1.36 6.27
N GLN B 190 -1.93 -0.56 5.39
CA GLN B 190 -1.46 0.81 5.20
C GLN B 190 -2.08 1.76 6.22
N ASP B 191 -3.39 1.69 6.41
CA ASP B 191 -4.02 2.66 7.30
C ASP B 191 -3.70 2.43 8.76
N VAL B 192 -3.38 1.21 9.18
CA VAL B 192 -2.83 1.06 10.51
C VAL B 192 -1.42 1.61 10.55
N GLU B 193 -0.65 1.43 9.48
CA GLU B 193 0.68 2.02 9.43
C GLU B 193 0.62 3.54 9.35
N ARG B 194 -0.38 4.07 8.66
CA ARG B 194 -0.44 5.51 8.51
C ARG B 194 -1.11 6.18 9.68
N PHE B 195 -2.04 5.51 10.37
CA PHE B 195 -2.57 6.10 11.59
C PHE B 195 -1.53 6.08 12.69
N CYS B 196 -0.81 4.97 12.84
CA CYS B 196 0.15 4.85 13.93
C CYS B 196 1.38 5.69 13.71
N ARG B 197 1.65 6.13 12.48
CA ARG B 197 2.74 7.08 12.29
C ARG B 197 2.28 8.50 12.58
N GLN B 198 1.13 8.89 12.03
CA GLN B 198 0.62 10.23 12.29
C GLN B 198 0.13 10.40 13.71
N LEU B 199 -0.08 9.32 14.45
CA LEU B 199 -0.35 9.49 15.87
C LEU B 199 0.94 9.61 16.66
N SER B 200 1.98 8.86 16.27
CA SER B 200 3.23 8.91 17.00
C SER B 200 3.99 10.21 16.75
N SER B 201 3.76 10.87 15.62
CA SER B 201 4.39 12.16 15.40
C SER B 201 3.82 13.23 16.31
N MET B 202 2.55 13.11 16.67
CA MET B 202 1.94 14.00 17.64
C MET B 202 1.81 13.36 19.02
N ALA B 203 2.54 12.29 19.26
CA ALA B 203 2.58 11.70 20.59
C ALA B 203 3.74 12.22 21.42
N SER B 204 4.57 13.10 20.85
CA SER B 204 5.60 13.76 21.62
C SER B 204 5.19 15.15 22.08
N LYS B 205 4.14 15.72 21.47
CA LYS B 205 3.66 17.03 21.84
C LYS B 205 2.31 17.00 22.52
N LEU B 206 1.56 15.90 22.42
CA LEU B 206 0.37 15.70 23.23
C LEU B 206 0.69 15.10 24.59
N ILE B 207 1.97 14.94 24.91
CA ILE B 207 2.36 14.35 26.18
C ILE B 207 3.01 15.39 27.10
N ILE B 208 3.63 16.42 26.56
CA ILE B 208 4.19 17.47 27.41
C ILE B 208 3.23 18.63 27.57
N SER B 209 2.32 18.83 26.61
CA SER B 209 1.31 19.87 26.66
C SER B 209 0.31 19.77 27.81
N PRO B 210 0.05 18.59 28.41
CA PRO B 210 -0.60 18.60 29.72
C PRO B 210 0.20 19.26 30.83
N PHE B 211 1.50 19.44 30.67
CA PHE B 211 2.32 20.05 31.70
C PHE B 211 2.79 21.45 31.36
N THR B 212 3.34 21.66 30.15
CA THR B 212 3.89 22.96 29.83
C THR B 212 2.82 24.00 29.59
N LEU B 213 1.58 23.59 29.36
CA LEU B 213 0.49 24.54 29.36
C LEU B 213 0.11 24.92 30.78
N VAL B 214 0.25 23.99 31.73
CA VAL B 214 -0.08 24.27 33.12
C VAL B 214 0.94 25.25 33.72
N TYR B 215 2.22 24.99 33.48
CA TYR B 215 3.26 25.83 34.07
C TYR B 215 3.28 27.22 33.47
N TYR B 216 2.99 27.34 32.18
CA TYR B 216 3.02 28.66 31.56
C TYR B 216 1.77 29.46 31.89
N THR B 217 0.64 28.80 32.13
CA THR B 217 -0.54 29.52 32.59
C THR B 217 -0.34 30.03 34.01
N TYR B 218 0.37 29.28 34.85
CA TYR B 218 0.74 29.82 36.15
C TYR B 218 1.73 30.97 35.99
N GLN B 219 2.63 30.86 35.03
CA GLN B 219 3.57 31.96 34.78
C GLN B 219 2.87 33.16 34.16
N CYS B 220 1.75 32.94 33.48
CA CYS B 220 0.99 34.05 32.90
C CYS B 220 0.01 34.65 33.89
N PHE B 221 -0.55 33.83 34.79
CA PHE B 221 -1.48 34.35 35.79
C PHE B 221 -0.78 35.24 36.80
N GLN B 222 0.51 35.04 37.02
CA GLN B 222 1.30 35.89 37.89
C GLN B 222 1.86 37.11 37.16
N SER B 223 1.41 37.37 35.93
CA SER B 223 1.92 38.51 35.18
C SER B 223 0.81 39.38 34.65
N THR B 224 -0.34 38.79 34.31
CA THR B 224 -1.47 39.57 33.83
C THR B 224 -2.70 39.45 34.73
N GLY B 225 -3.15 38.23 35.03
CA GLY B 225 -4.21 38.02 35.99
C GLY B 225 -5.44 37.41 35.34
N TRP B 226 -6.62 37.85 35.82
CA TRP B 226 -7.89 37.29 35.34
C TRP B 226 -8.13 37.61 33.88
N LEU B 227 -7.66 38.76 33.41
CA LEU B 227 -7.83 39.15 32.02
C LEU B 227 -6.64 38.76 31.15
N GLY B 228 -5.93 37.71 31.54
CA GLY B 228 -4.73 37.29 30.87
C GLY B 228 -4.92 36.06 30.01
N PRO B 229 -4.62 34.88 30.57
CA PRO B 229 -4.64 33.65 29.77
C PRO B 229 -6.02 33.21 29.33
N VAL B 230 -7.10 33.76 29.91
CA VAL B 230 -8.42 33.46 29.37
C VAL B 230 -8.69 34.25 28.09
N SER B 231 -7.84 35.22 27.76
CA SER B 231 -7.82 35.76 26.42
C SER B 231 -6.87 34.99 25.51
N ILE B 232 -6.20 33.98 26.03
CA ILE B 232 -5.50 33.01 25.22
C ILE B 232 -6.25 31.70 25.16
N PHE B 233 -6.90 31.31 26.26
CA PHE B 233 -7.81 30.17 26.23
C PHE B 233 -8.99 30.43 25.32
N GLY B 234 -9.46 31.67 25.29
CA GLY B 234 -10.47 32.06 24.31
C GLY B 234 -9.93 32.12 22.90
N TYR B 235 -8.61 32.25 22.74
CA TYR B 235 -7.99 32.14 21.43
C TYR B 235 -7.84 30.69 20.99
N PHE B 236 -7.88 29.75 21.93
CA PHE B 236 -7.91 28.35 21.56
C PHE B 236 -9.31 27.92 21.15
N ILE B 237 -10.32 28.37 21.90
CA ILE B 237 -11.69 27.99 21.61
C ILE B 237 -12.13 28.57 20.27
N LEU B 238 -11.69 29.77 19.94
CA LEU B 238 -11.86 30.23 18.57
C LEU B 238 -10.90 29.52 17.64
N GLY B 239 -9.71 29.17 18.13
CA GLY B 239 -8.70 28.56 17.27
C GLY B 239 -9.01 27.13 16.88
N THR B 240 -9.78 26.42 17.69
CA THR B 240 -10.11 25.03 17.37
C THR B 240 -11.51 24.85 16.81
N VAL B 241 -12.43 25.78 17.10
CA VAL B 241 -13.72 25.74 16.40
C VAL B 241 -13.51 26.06 14.92
N VAL B 242 -12.59 26.98 14.62
CA VAL B 242 -12.28 27.28 13.24
C VAL B 242 -11.50 26.17 12.55
N ASN B 243 -11.07 25.14 13.29
CA ASN B 243 -10.51 23.94 12.68
C ASN B 243 -11.48 22.77 12.66
N LYS B 244 -12.30 22.62 13.70
CA LYS B 244 -13.26 21.52 13.75
C LYS B 244 -14.37 21.69 12.72
N THR B 245 -14.62 22.91 12.25
CA THR B 245 -15.45 23.12 11.09
C THR B 245 -14.65 23.16 9.80
N LEU B 246 -13.33 23.04 9.88
CA LEU B 246 -12.49 23.08 8.70
C LEU B 246 -11.75 21.77 8.45
N MET B 247 -11.59 20.93 9.48
CA MET B 247 -11.14 19.58 9.27
C MET B 247 -12.28 18.65 8.87
N GLY B 248 -13.48 19.18 8.70
CA GLY B 248 -14.61 18.42 8.21
C GLY B 248 -14.42 17.93 6.79
N PRO B 249 -14.33 18.85 5.82
CA PRO B 249 -14.11 18.42 4.43
C PRO B 249 -12.72 17.89 4.14
N ILE B 250 -11.81 17.87 5.11
CA ILE B 250 -10.57 17.12 4.92
C ILE B 250 -10.85 15.63 5.01
N VAL B 251 -11.45 15.21 6.12
CA VAL B 251 -11.68 13.80 6.39
C VAL B 251 -12.67 13.20 5.38
N MET B 252 -13.66 13.98 4.95
CA MET B 252 -14.56 13.52 3.91
C MET B 252 -13.86 13.34 2.57
N LYS B 253 -12.81 14.11 2.33
CA LYS B 253 -12.00 13.96 1.13
C LYS B 253 -10.71 13.21 1.41
N LEU B 254 -10.52 12.67 2.61
CA LEU B 254 -9.35 11.85 2.88
C LEU B 254 -9.68 10.37 2.93
N VAL B 255 -10.82 10.01 3.50
CA VAL B 255 -11.29 8.63 3.39
C VAL B 255 -11.59 8.30 1.94
N HIS B 256 -12.16 9.26 1.20
CA HIS B 256 -12.31 9.08 -0.23
C HIS B 256 -10.96 9.11 -0.94
N GLN B 257 -9.97 9.79 -0.36
CA GLN B 257 -8.61 9.69 -0.88
C GLN B 257 -7.96 8.37 -0.50
N GLU B 258 -8.45 7.73 0.54
CA GLU B 258 -7.85 6.48 0.99
C GLU B 258 -8.47 5.27 0.33
N LYS B 259 -9.74 5.36 -0.07
CA LYS B 259 -10.32 4.29 -0.86
C LYS B 259 -9.68 4.23 -2.22
N LEU B 260 -9.50 5.38 -2.86
CA LEU B 260 -8.93 5.41 -4.20
C LEU B 260 -7.43 5.15 -4.21
N GLU B 261 -6.74 5.42 -3.11
CA GLU B 261 -5.36 4.98 -2.98
C GLU B 261 -5.26 3.51 -2.65
N GLY B 262 -6.35 2.88 -2.28
CA GLY B 262 -6.36 1.46 -2.01
C GLY B 262 -6.94 0.69 -3.17
N ASP B 263 -7.88 1.30 -3.90
CA ASP B 263 -8.40 0.66 -5.09
C ASP B 263 -7.39 0.70 -6.22
N PHE B 264 -6.52 1.72 -6.23
CA PHE B 264 -5.47 1.78 -7.24
C PHE B 264 -4.40 0.74 -6.95
N ARG B 265 -4.06 0.57 -5.68
CA ARG B 265 -3.07 -0.44 -5.31
C ARG B 265 -3.60 -1.85 -5.56
N PHE B 266 -4.89 -2.07 -5.38
CA PHE B 266 -5.48 -3.35 -5.74
C PHE B 266 -5.55 -3.51 -7.25
N LYS B 267 -5.63 -2.40 -7.98
CA LYS B 267 -5.60 -2.50 -9.44
C LYS B 267 -4.24 -2.98 -9.92
N HIS B 268 -3.17 -2.64 -9.22
CA HIS B 268 -1.87 -3.17 -9.60
C HIS B 268 -1.73 -4.62 -9.21
N MET B 269 -2.40 -5.05 -8.16
CA MET B 269 -2.36 -6.46 -7.80
C MET B 269 -3.45 -7.26 -8.48
N GLN B 270 -4.26 -6.65 -9.31
CA GLN B 270 -4.97 -7.40 -10.33
C GLN B 270 -4.15 -7.49 -11.60
N ILE B 271 -3.00 -6.84 -11.64
CA ILE B 271 -2.02 -7.02 -12.69
C ILE B 271 -0.90 -7.96 -12.24
N ARG B 272 -0.46 -7.84 -10.99
CA ARG B 272 0.63 -8.67 -10.49
C ARG B 272 0.19 -10.11 -10.30
N VAL B 273 -1.01 -10.31 -9.76
CA VAL B 273 -1.55 -11.66 -9.64
C VAL B 273 -1.92 -12.20 -11.02
N ASN B 274 -2.39 -11.34 -11.91
CA ASN B 274 -2.85 -11.79 -13.20
C ASN B 274 -1.96 -11.31 -14.33
N ALA B 275 -0.64 -11.40 -14.16
CA ALA B 275 0.26 -11.02 -15.23
C ALA B 275 0.24 -12.04 -16.36
N GLU B 276 0.12 -13.31 -16.01
CA GLU B 276 0.07 -14.36 -17.03
C GLU B 276 -1.14 -14.29 -17.95
N PRO B 277 -2.38 -14.10 -17.49
CA PRO B 277 -3.46 -14.01 -18.47
C PRO B 277 -3.51 -12.69 -19.20
N ALA B 278 -3.11 -11.59 -18.56
CA ALA B 278 -3.27 -10.27 -19.17
C ALA B 278 -2.29 -10.08 -20.33
N ALA B 279 -1.09 -10.61 -20.20
CA ALA B 279 -0.12 -10.47 -21.28
C ALA B 279 -0.37 -11.45 -22.41
N PHE B 280 -1.26 -12.41 -22.23
CA PHE B 280 -1.70 -13.22 -23.36
C PHE B 280 -2.58 -12.41 -24.30
N TYR B 281 -3.28 -11.41 -23.77
CA TYR B 281 -4.11 -10.55 -24.59
C TYR B 281 -3.34 -9.38 -25.21
N ARG B 282 -2.02 -9.30 -24.94
CA ARG B 282 -1.19 -8.14 -25.25
C ARG B 282 -1.83 -6.85 -24.74
N ALA B 283 -2.22 -6.88 -23.47
CA ALA B 283 -3.07 -5.85 -22.89
C ALA B 283 -2.30 -4.75 -22.21
N GLY B 284 -1.11 -4.43 -22.68
CA GLY B 284 -0.38 -3.30 -22.13
C GLY B 284 -1.07 -1.98 -22.43
N HIS B 285 -1.47 -1.78 -23.69
CA HIS B 285 -2.12 -0.54 -24.07
C HIS B 285 -3.57 -0.47 -23.61
N VAL B 286 -4.11 -1.55 -23.09
CA VAL B 286 -5.42 -1.49 -22.45
C VAL B 286 -5.29 -1.20 -20.96
N GLU B 287 -4.46 -1.97 -20.27
CA GLU B 287 -4.34 -1.84 -18.83
C GLU B 287 -3.65 -0.54 -18.43
N HIS B 288 -2.95 0.11 -19.35
CA HIS B 288 -2.51 1.47 -19.08
C HIS B 288 -3.70 2.39 -18.91
N MET B 289 -4.61 2.39 -19.88
CA MET B 289 -5.79 3.23 -19.82
C MET B 289 -6.83 2.72 -18.84
N ARG B 290 -6.64 1.55 -18.23
CA ARG B 290 -7.46 1.16 -17.10
C ARG B 290 -6.85 1.60 -15.78
N THR B 291 -5.54 1.43 -15.63
CA THR B 291 -4.90 1.79 -14.37
C THR B 291 -4.74 3.30 -14.22
N ASP B 292 -4.49 3.99 -15.34
CA ASP B 292 -4.43 5.45 -15.28
C ASP B 292 -5.80 6.03 -14.98
N ARG B 293 -6.87 5.37 -15.43
CA ARG B 293 -8.21 5.74 -15.01
C ARG B 293 -8.40 5.54 -13.52
N ARG B 294 -7.78 4.50 -12.97
CA ARG B 294 -7.75 4.34 -11.53
C ARG B 294 -6.78 5.32 -10.88
N LEU B 295 -5.75 5.74 -11.61
CA LEU B 295 -4.80 6.68 -11.05
C LEU B 295 -5.34 8.10 -11.05
N GLN B 296 -5.95 8.53 -12.16
CA GLN B 296 -6.45 9.89 -12.27
C GLN B 296 -7.59 10.16 -11.28
N ARG B 297 -8.39 9.14 -10.98
CA ARG B 297 -9.42 9.30 -9.95
C ARG B 297 -8.79 9.48 -8.59
N LEU B 298 -7.60 8.93 -8.36
CA LEU B 298 -6.88 9.22 -7.14
C LEU B 298 -6.24 10.60 -7.20
N LEU B 299 -5.71 10.97 -8.36
CA LEU B 299 -5.04 12.26 -8.46
C LEU B 299 -6.02 13.41 -8.61
N GLN B 300 -7.30 13.15 -8.88
CA GLN B 300 -8.29 14.21 -8.85
C GLN B 300 -8.97 14.30 -7.50
N THR B 301 -8.68 13.38 -6.58
CA THR B 301 -9.09 13.52 -5.20
C THR B 301 -7.92 13.72 -4.25
N GLN B 302 -6.69 13.55 -4.72
CA GLN B 302 -5.56 14.03 -3.94
C GLN B 302 -5.33 15.50 -4.20
N ARG B 303 -5.57 15.95 -5.43
CA ARG B 303 -5.56 17.38 -5.73
C ARG B 303 -6.74 18.08 -5.09
N GLU B 304 -7.86 17.37 -4.95
CA GLU B 304 -9.02 17.94 -4.26
C GLU B 304 -8.75 18.10 -2.77
N LEU B 305 -7.89 17.25 -2.21
CA LEU B 305 -7.59 17.35 -0.79
C LEU B 305 -6.71 18.56 -0.50
N MET B 306 -5.79 18.88 -1.40
CA MET B 306 -4.96 20.07 -1.22
C MET B 306 -5.77 21.34 -1.38
N SER B 307 -6.81 21.31 -2.21
CA SER B 307 -7.71 22.45 -2.30
C SER B 307 -8.54 22.61 -1.04
N LYS B 308 -8.73 21.55 -0.27
CA LYS B 308 -9.38 21.68 1.03
C LYS B 308 -8.38 21.88 2.15
N GLU B 309 -7.19 21.28 2.06
CA GLU B 309 -6.20 21.46 3.10
C GLU B 309 -5.51 22.82 3.04
N LEU B 310 -5.71 23.57 1.96
CA LEU B 310 -5.22 24.94 1.91
C LEU B 310 -5.89 25.79 2.98
N TRP B 311 -7.18 25.56 3.22
CA TRP B 311 -7.85 26.33 4.24
C TRP B 311 -7.44 25.88 5.64
N LEU B 312 -7.09 24.61 5.79
CA LEU B 312 -6.59 24.15 7.08
C LEU B 312 -5.20 24.71 7.36
N TYR B 313 -4.38 24.88 6.32
CA TYR B 313 -3.10 25.54 6.54
C TYR B 313 -3.29 27.02 6.87
N ILE B 314 -4.35 27.63 6.35
CA ILE B 314 -4.62 29.03 6.67
C ILE B 314 -5.04 29.16 8.13
N GLY B 315 -6.00 28.35 8.57
CA GLY B 315 -6.50 28.40 9.93
C GLY B 315 -5.51 27.98 11.00
N ILE B 316 -4.35 27.46 10.62
CA ILE B 316 -3.27 27.20 11.55
C ILE B 316 -2.23 28.32 11.50
N ASN B 317 -1.84 28.71 10.30
CA ASN B 317 -0.87 29.79 10.18
C ASN B 317 -1.45 31.14 10.56
N THR B 318 -2.76 31.32 10.48
CA THR B 318 -3.36 32.52 11.04
C THR B 318 -3.30 32.49 12.56
N PHE B 319 -3.59 31.33 13.16
CA PHE B 319 -3.54 31.21 14.61
C PHE B 319 -2.12 31.37 15.13
N ASP B 320 -1.13 30.92 14.37
CA ASP B 320 0.25 30.99 14.83
C ASP B 320 0.77 32.41 14.80
N TYR B 321 0.62 33.09 13.66
CA TYR B 321 1.28 34.37 13.48
C TYR B 321 0.51 35.51 14.14
N LEU B 322 -0.82 35.46 14.11
CA LEU B 322 -1.59 36.41 14.89
C LEU B 322 -1.45 36.14 16.38
N GLY B 323 -1.13 34.90 16.74
CA GLY B 323 -0.76 34.59 18.12
C GLY B 323 0.53 35.25 18.56
N SER B 324 1.40 35.64 17.63
CA SER B 324 2.58 36.40 18.01
C SER B 324 2.23 37.82 18.41
N ILE B 325 1.08 38.34 17.99
CA ILE B 325 0.67 39.69 18.34
C ILE B 325 -0.55 39.74 19.24
N LEU B 326 -1.23 38.62 19.46
CA LEU B 326 -2.46 38.70 20.25
C LEU B 326 -2.16 38.90 21.73
N SER B 327 -0.96 38.52 22.20
CA SER B 327 -0.56 38.89 23.55
C SER B 327 -0.48 40.39 23.73
N TYR B 328 -0.12 41.11 22.67
CA TYR B 328 0.01 42.55 22.76
C TYR B 328 -1.34 43.24 22.85
N VAL B 329 -2.36 42.70 22.19
CA VAL B 329 -3.68 43.32 22.22
C VAL B 329 -4.47 42.89 23.45
N VAL B 330 -3.99 41.88 24.19
CA VAL B 330 -4.46 41.66 25.56
C VAL B 330 -4.15 42.87 26.42
N ILE B 331 -3.06 43.56 26.14
CA ILE B 331 -2.58 44.64 26.97
C ILE B 331 -2.95 45.93 26.26
N ALA B 332 -4.12 45.92 25.60
CA ALA B 332 -4.75 47.16 25.19
C ALA B 332 -5.38 47.92 26.35
N ILE B 333 -5.50 47.29 27.51
CA ILE B 333 -6.08 47.93 28.70
C ILE B 333 -5.29 49.14 29.23
N PRO B 334 -4.00 49.35 28.95
CA PRO B 334 -3.49 50.73 29.12
C PRO B 334 -4.00 51.68 28.06
N ILE B 335 -3.98 51.29 26.78
CA ILE B 335 -4.25 52.26 25.72
C ILE B 335 -5.74 52.44 25.50
N PHE B 336 -6.57 51.55 26.01
CA PHE B 336 -8.01 51.74 25.97
C PHE B 336 -8.60 52.17 27.31
N SER B 337 -8.08 51.65 28.42
CA SER B 337 -8.58 52.02 29.74
C SER B 337 -7.53 52.74 30.56
N GLY B 338 -6.35 52.14 30.76
CA GLY B 338 -5.33 52.77 31.59
C GLY B 338 -5.67 52.74 33.07
N VAL B 339 -6.16 51.60 33.56
CA VAL B 339 -6.59 51.52 34.95
C VAL B 339 -5.45 51.42 35.95
N TYR B 340 -4.22 51.20 35.48
CA TYR B 340 -3.05 51.21 36.33
C TYR B 340 -2.00 52.17 35.79
N GLY B 341 -2.46 53.28 35.20
CA GLY B 341 -1.56 54.22 34.59
C GLY B 341 -0.74 55.01 35.60
N ASP B 342 0.54 54.67 35.71
CA ASP B 342 1.44 55.35 36.63
C ASP B 342 2.59 56.04 35.92
N LEU B 343 3.31 55.34 35.06
CA LEU B 343 4.47 55.89 34.38
C LEU B 343 4.31 55.72 32.87
N SER B 344 4.83 56.69 32.13
CA SER B 344 4.90 56.59 30.68
C SER B 344 6.09 55.75 30.20
N PRO B 345 7.37 55.92 30.69
CA PRO B 345 8.42 55.06 30.15
C PRO B 345 8.67 53.78 30.93
N ALA B 346 8.13 53.67 32.15
CA ALA B 346 8.47 52.56 33.02
C ALA B 346 7.31 51.64 33.35
N GLU B 347 6.09 52.16 33.45
CA GLU B 347 4.93 51.29 33.61
C GLU B 347 4.51 50.69 32.27
N LEU B 348 4.85 51.36 31.17
CA LEU B 348 4.44 50.92 29.85
C LEU B 348 5.48 50.00 29.24
N SER B 349 6.71 50.49 29.07
CA SER B 349 7.80 49.60 28.74
C SER B 349 8.15 48.73 29.94
N THR B 350 8.78 47.59 29.65
CA THR B 350 9.33 46.53 30.52
C THR B 350 8.29 45.87 31.43
N LEU B 351 7.03 46.28 31.33
CA LEU B 351 5.90 45.52 31.83
C LEU B 351 5.33 44.65 30.74
N VAL B 352 5.03 45.25 29.57
CA VAL B 352 4.57 44.47 28.44
C VAL B 352 5.71 43.67 27.84
N SER B 353 6.96 44.16 27.98
CA SER B 353 8.10 43.37 27.58
C SER B 353 8.36 42.22 28.53
N LYS B 354 7.83 42.30 29.76
CA LYS B 354 7.77 41.15 30.64
C LYS B 354 6.52 40.33 30.38
N ASN B 355 5.47 40.96 29.84
CA ASN B 355 4.22 40.25 29.62
C ASN B 355 4.25 39.54 28.27
N ALA B 356 4.86 40.13 27.25
CA ALA B 356 5.03 39.42 26.00
C ALA B 356 6.12 38.36 26.11
N PHE B 357 7.04 38.50 27.05
CA PHE B 357 8.05 37.48 27.27
C PHE B 357 7.48 36.24 27.96
N VAL B 358 6.27 36.32 28.50
CA VAL B 358 5.65 35.19 29.15
C VAL B 358 4.38 34.71 28.43
N CYS B 359 3.70 35.57 27.68
CA CYS B 359 2.50 35.13 26.98
C CYS B 359 2.83 34.52 25.62
N ILE B 360 3.77 35.10 24.88
CA ILE B 360 4.30 34.44 23.68
C ILE B 360 5.00 33.15 24.07
N TYR B 361 5.58 33.14 25.27
CA TYR B 361 6.12 31.92 25.85
C TYR B 361 5.03 30.89 26.11
N LEU B 362 3.79 31.34 26.32
CA LEU B 362 2.67 30.41 26.53
C LEU B 362 2.15 29.87 25.21
N ILE B 363 1.95 30.74 24.22
CA ILE B 363 1.43 30.31 22.93
C ILE B 363 2.44 29.48 22.17
N SER B 364 3.73 29.57 22.53
CA SER B 364 4.75 28.70 21.98
C SER B 364 4.52 27.24 22.33
N CYS B 365 3.91 26.97 23.49
CA CYS B 365 3.50 25.62 23.84
C CYS B 365 2.02 25.39 23.57
N PHE B 366 1.33 26.39 23.04
CA PHE B 366 -0.10 26.32 22.83
C PHE B 366 -0.49 26.37 21.37
N THR B 367 0.36 26.91 20.51
CA THR B 367 0.17 26.75 19.08
C THR B 367 0.65 25.40 18.58
N GLN B 368 1.32 24.62 19.42
CA GLN B 368 1.67 23.25 19.06
C GLN B 368 0.40 22.41 18.87
N LEU B 369 -0.59 22.61 19.73
CA LEU B 369 -1.82 21.85 19.66
C LEU B 369 -2.67 22.18 18.44
N ILE B 370 -2.39 23.29 17.77
CA ILE B 370 -3.04 23.61 16.51
C ILE B 370 -2.08 23.41 15.33
N ASP B 371 -0.77 23.39 15.57
CA ASP B 371 0.21 23.03 14.53
C ASP B 371 0.02 21.60 14.07
N LEU B 372 -0.51 20.74 14.93
CA LEU B 372 -0.81 19.36 14.56
C LEU B 372 -2.29 19.16 14.22
N SER B 373 -3.00 20.21 13.83
CA SER B 373 -4.35 20.00 13.33
C SER B 373 -4.35 19.38 11.95
N THR B 374 -3.26 19.51 11.19
CA THR B 374 -3.13 18.73 9.97
C THR B 374 -2.96 17.26 10.28
N THR B 375 -2.01 16.94 11.16
CA THR B 375 -1.73 15.56 11.50
C THR B 375 -2.72 14.99 12.50
N LEU B 376 -3.75 15.75 12.87
CA LEU B 376 -4.92 15.17 13.51
C LEU B 376 -6.09 15.07 12.55
N SER B 377 -6.10 15.88 11.49
CA SER B 377 -7.03 15.62 10.40
C SER B 377 -6.64 14.36 9.64
N ASP B 378 -5.34 14.07 9.57
CA ASP B 378 -4.91 12.81 8.97
C ASP B 378 -5.28 11.63 9.85
N VAL B 379 -5.09 11.76 11.17
CA VAL B 379 -5.43 10.68 12.09
C VAL B 379 -6.93 10.43 12.10
N ALA B 380 -7.73 11.50 12.13
CA ALA B 380 -9.17 11.35 12.06
C ALA B 380 -9.65 10.84 10.72
N GLY B 381 -8.85 10.98 9.68
CA GLY B 381 -9.16 10.32 8.43
C GLY B 381 -8.94 8.82 8.52
N TYR B 382 -7.89 8.41 9.25
CA TYR B 382 -7.54 7.00 9.29
C TYR B 382 -8.29 6.22 10.34
N THR B 383 -8.69 6.84 11.45
CA THR B 383 -9.55 6.14 12.39
C THR B 383 -10.98 6.04 11.90
N HIS B 384 -11.36 6.83 10.89
CA HIS B 384 -12.61 6.58 10.22
C HIS B 384 -12.47 5.55 9.11
N ARG B 385 -11.27 5.00 8.92
CA ARG B 385 -11.04 3.83 8.10
C ARG B 385 -10.87 2.58 8.95
N ILE B 386 -10.03 2.64 9.97
CA ILE B 386 -9.85 1.49 10.85
C ILE B 386 -11.08 1.29 11.72
N GLY B 387 -11.64 2.37 12.25
CA GLY B 387 -12.86 2.27 13.01
C GLY B 387 -14.08 1.96 12.18
N GLN B 388 -14.01 2.14 10.86
CA GLN B 388 -15.01 1.60 9.97
C GLN B 388 -14.84 0.11 9.77
N LEU B 389 -13.64 -0.40 10.01
CA LEU B 389 -13.32 -1.80 9.79
C LEU B 389 -13.54 -2.65 11.02
N ARG B 390 -13.00 -2.24 12.16
CA ARG B 390 -13.22 -3.06 13.35
C ARG B 390 -14.63 -2.92 13.90
N GLU B 391 -15.39 -1.93 13.44
CA GLU B 391 -16.82 -1.92 13.73
C GLU B 391 -17.50 -3.06 12.98
N THR B 392 -17.26 -3.17 11.68
CA THR B 392 -17.93 -4.22 10.90
C THR B 392 -17.31 -5.59 11.13
N LEU B 393 -16.16 -5.66 11.76
CA LEU B 393 -15.60 -6.96 12.10
C LEU B 393 -16.10 -7.46 13.43
N LEU B 394 -16.45 -6.56 14.34
CA LEU B 394 -16.87 -6.98 15.67
C LEU B 394 -18.25 -7.61 15.66
N ASP B 395 -19.20 -7.00 14.95
CA ASP B 395 -20.52 -7.61 14.84
C ASP B 395 -20.51 -8.82 13.92
N MET B 396 -19.54 -8.91 13.01
CA MET B 396 -19.40 -10.09 12.17
C MET B 396 -18.88 -11.29 12.95
N SER B 397 -18.28 -11.07 14.12
CA SER B 397 -17.84 -12.18 14.95
C SER B 397 -18.99 -12.90 15.62
N LEU B 398 -20.18 -12.30 15.67
CA LEU B 398 -21.35 -12.92 16.28
C LEU B 398 -21.90 -14.03 15.40
N ASP B 426 -19.49 -40.59 9.79
CA ASP B 426 -20.71 -41.16 9.16
C ASP B 426 -21.76 -40.05 9.02
N THR B 427 -22.59 -40.12 7.97
CA THR B 427 -23.65 -39.11 7.69
C THR B 427 -23.03 -37.72 7.62
N ALA B 428 -22.28 -37.45 6.56
CA ALA B 428 -21.57 -36.17 6.33
C ALA B 428 -22.45 -34.96 6.66
N PHE B 429 -23.50 -34.71 5.86
CA PHE B 429 -24.35 -33.51 6.10
C PHE B 429 -25.84 -33.85 5.98
N LEU B 430 -26.67 -33.00 6.58
CA LEU B 430 -28.13 -33.09 6.54
C LEU B 430 -28.69 -31.80 5.97
N LEU B 431 -29.50 -31.93 4.93
CA LEU B 431 -30.11 -30.80 4.24
C LEU B 431 -31.62 -30.97 4.29
N GLU B 432 -32.31 -29.99 4.86
CA GLU B 432 -33.76 -30.08 5.06
C GLU B 432 -34.42 -28.87 4.39
N ARG B 433 -34.93 -29.09 3.17
CA ARG B 433 -35.73 -28.13 2.41
C ARG B 433 -34.99 -26.81 2.20
N VAL B 434 -33.87 -26.90 1.48
CA VAL B 434 -32.88 -25.85 1.42
C VAL B 434 -32.98 -25.14 0.08
N SER B 435 -32.90 -23.81 0.10
CA SER B 435 -33.35 -22.94 -1.00
C SER B 435 -32.28 -21.89 -1.31
N ILE B 436 -31.06 -22.35 -1.60
CA ILE B 436 -29.91 -21.47 -1.77
C ILE B 436 -30.09 -20.55 -2.96
N SER B 437 -29.78 -19.28 -2.77
CA SER B 437 -29.80 -18.29 -3.83
C SER B 437 -28.48 -17.55 -3.88
N ALA B 438 -28.25 -16.89 -5.01
CA ALA B 438 -27.17 -15.92 -5.11
C ALA B 438 -27.47 -14.75 -4.18
N PRO B 439 -26.43 -14.16 -3.57
CA PRO B 439 -26.68 -13.15 -2.53
C PRO B 439 -27.27 -11.85 -3.05
N SER B 440 -26.99 -11.49 -4.31
CA SER B 440 -27.55 -10.27 -4.84
C SER B 440 -28.99 -10.47 -5.32
N SER B 441 -29.24 -11.54 -6.06
CA SER B 441 -30.56 -11.75 -6.64
C SER B 441 -31.50 -12.37 -5.61
N ASP B 442 -32.71 -12.67 -6.06
CA ASP B 442 -33.76 -13.20 -5.20
C ASP B 442 -34.17 -14.63 -5.52
N LYS B 443 -34.12 -15.02 -6.78
CA LYS B 443 -34.54 -16.36 -7.17
C LYS B 443 -33.53 -17.38 -6.66
N PRO B 444 -33.99 -18.52 -6.15
CA PRO B 444 -33.06 -19.52 -5.62
C PRO B 444 -32.38 -20.30 -6.72
N LEU B 445 -31.11 -20.62 -6.48
CA LEU B 445 -30.38 -21.47 -7.42
C LEU B 445 -30.86 -22.90 -7.35
N ILE B 446 -31.01 -23.42 -6.13
CA ILE B 446 -31.69 -24.68 -5.90
C ILE B 446 -32.86 -24.42 -4.97
N LYS B 447 -33.88 -25.26 -5.06
CA LYS B 447 -35.18 -24.98 -4.44
C LYS B 447 -35.40 -25.74 -3.14
N ASP B 448 -35.25 -27.05 -3.15
CA ASP B 448 -35.54 -27.86 -1.98
C ASP B 448 -34.55 -29.01 -1.91
N LEU B 449 -33.93 -29.19 -0.75
CA LEU B 449 -32.95 -30.24 -0.56
C LEU B 449 -33.39 -31.14 0.60
N SER B 450 -33.57 -32.41 0.32
CA SER B 450 -33.71 -33.45 1.33
C SER B 450 -32.53 -34.40 1.13
N LEU B 451 -31.39 -34.02 1.69
CA LEU B 451 -30.12 -34.62 1.29
C LEU B 451 -29.41 -35.17 2.52
N LYS B 452 -28.75 -36.32 2.34
CA LYS B 452 -28.00 -36.95 3.41
C LYS B 452 -26.88 -37.77 2.80
N ILE B 453 -25.68 -37.63 3.36
CA ILE B 453 -24.49 -38.28 2.85
C ILE B 453 -23.96 -39.23 3.91
N SER B 454 -23.74 -40.48 3.53
CA SER B 454 -23.17 -41.47 4.41
C SER B 454 -21.78 -41.87 3.90
N GLU B 455 -21.13 -42.75 4.67
CA GLU B 455 -19.79 -43.24 4.26
C GLU B 455 -19.99 -44.21 3.08
N GLY B 456 -19.14 -44.11 2.07
CA GLY B 456 -19.21 -44.94 0.88
C GLY B 456 -20.27 -44.55 -0.12
N GLN B 457 -20.76 -43.31 -0.07
CA GLN B 457 -21.74 -42.86 -1.05
C GLN B 457 -21.10 -42.03 -2.15
N SER B 458 -20.47 -40.90 -1.79
CA SER B 458 -19.63 -40.07 -2.66
C SER B 458 -20.40 -39.60 -3.91
N LEU B 459 -21.41 -38.79 -3.66
CA LEU B 459 -22.34 -38.40 -4.72
C LEU B 459 -21.75 -37.33 -5.63
N LEU B 460 -22.06 -37.42 -6.91
CA LEU B 460 -21.73 -36.38 -7.88
C LEU B 460 -22.77 -35.27 -7.80
N ILE B 461 -22.36 -34.04 -8.15
CA ILE B 461 -23.27 -32.90 -8.12
C ILE B 461 -23.29 -32.25 -9.51
N THR B 462 -23.22 -33.06 -10.57
CA THR B 462 -23.13 -32.52 -11.92
C THR B 462 -24.38 -31.73 -12.32
N GLY B 463 -24.22 -30.88 -13.33
CA GLY B 463 -25.31 -30.03 -13.76
C GLY B 463 -24.90 -29.03 -14.81
N ASN B 464 -25.48 -27.85 -14.78
CA ASN B 464 -25.30 -26.84 -15.81
C ASN B 464 -24.14 -25.93 -15.43
N THR B 465 -23.94 -24.84 -16.18
CA THR B 465 -22.76 -24.00 -16.03
C THR B 465 -22.84 -23.06 -14.82
N GLY B 466 -24.01 -22.54 -14.50
CA GLY B 466 -24.13 -21.53 -13.46
C GLY B 466 -25.36 -21.76 -12.63
N THR B 467 -25.82 -23.01 -12.59
CA THR B 467 -27.03 -23.39 -11.89
C THR B 467 -26.84 -23.54 -10.40
N GLY B 468 -25.70 -23.12 -9.86
CA GLY B 468 -25.46 -23.23 -8.44
C GLY B 468 -25.03 -24.63 -8.06
N LYS B 469 -24.10 -25.21 -8.80
CA LYS B 469 -23.52 -26.48 -8.38
C LYS B 469 -22.68 -26.28 -7.13
N THR B 470 -21.79 -25.29 -7.19
CA THR B 470 -20.89 -24.97 -6.04
C THR B 470 -21.69 -24.34 -4.90
N SER B 471 -22.82 -23.69 -5.19
CA SER B 471 -23.53 -22.99 -4.13
C SER B 471 -24.13 -23.94 -3.11
N LEU B 472 -24.34 -25.20 -3.47
CA LEU B 472 -24.60 -26.23 -2.47
C LEU B 472 -23.41 -26.42 -1.55
N LEU B 473 -22.20 -26.43 -2.13
CA LEU B 473 -20.99 -26.73 -1.36
C LEU B 473 -20.59 -25.58 -0.45
N ARG B 474 -20.99 -24.36 -0.78
CA ARG B 474 -20.61 -23.21 0.04
C ARG B 474 -21.30 -23.26 1.40
N VAL B 475 -22.58 -23.61 1.43
CA VAL B 475 -23.27 -23.67 2.71
C VAL B 475 -22.86 -24.90 3.51
N LEU B 476 -22.23 -25.89 2.87
CA LEU B 476 -21.67 -26.99 3.63
C LEU B 476 -20.40 -26.56 4.33
N GLY B 477 -19.69 -25.60 3.78
CA GLY B 477 -18.50 -25.05 4.40
C GLY B 477 -18.76 -23.84 5.25
N GLY B 478 -20.02 -23.51 5.50
CA GLY B 478 -20.35 -22.33 6.27
C GLY B 478 -20.05 -21.03 5.55
N LEU B 479 -19.90 -21.07 4.23
CA LEU B 479 -19.61 -19.85 3.48
C LEU B 479 -20.86 -18.99 3.38
N TRP B 480 -21.90 -19.54 2.80
CA TRP B 480 -23.19 -18.87 2.73
C TRP B 480 -24.15 -19.50 3.72
N THR B 481 -25.27 -18.83 3.93
CA THR B 481 -26.39 -19.39 4.66
C THR B 481 -27.56 -19.55 3.69
N SER B 482 -28.33 -20.62 3.91
CA SER B 482 -29.54 -20.82 3.13
C SER B 482 -30.56 -19.74 3.47
N THR B 483 -31.31 -19.30 2.46
CA THR B 483 -32.35 -18.31 2.71
C THR B 483 -33.49 -18.92 3.51
N ARG B 484 -34.00 -20.07 3.08
CA ARG B 484 -35.01 -20.82 3.81
C ARG B 484 -34.57 -22.28 3.82
N GLY B 485 -34.17 -22.77 4.97
CA GLY B 485 -33.76 -24.16 5.07
C GLY B 485 -32.86 -24.39 6.26
N SER B 486 -32.60 -25.66 6.52
CA SER B 486 -31.77 -26.09 7.64
C SER B 486 -30.62 -26.93 7.10
N VAL B 487 -29.40 -26.47 7.32
CA VAL B 487 -28.19 -27.18 6.95
C VAL B 487 -27.39 -27.46 8.22
N GLN B 488 -26.78 -28.64 8.28
CA GLN B 488 -25.91 -28.98 9.38
C GLN B 488 -24.94 -30.05 8.90
N MET B 489 -23.83 -30.17 9.60
CA MET B 489 -22.88 -31.25 9.37
C MET B 489 -22.75 -32.10 10.62
N LEU B 490 -22.50 -33.38 10.41
CA LEU B 490 -22.37 -34.34 11.51
C LEU B 490 -20.94 -34.76 11.74
N THR B 491 -20.01 -34.22 10.96
CA THR B 491 -18.59 -34.48 11.13
C THR B 491 -17.84 -33.16 11.18
N ASP B 492 -16.89 -33.07 12.10
CA ASP B 492 -16.13 -31.84 12.26
C ASP B 492 -15.14 -31.67 11.12
N PHE B 493 -14.77 -30.42 10.87
CA PHE B 493 -13.71 -30.14 9.90
C PHE B 493 -12.38 -30.58 10.47
N GLY B 494 -11.52 -31.12 9.61
CA GLY B 494 -10.20 -31.50 10.01
C GLY B 494 -9.50 -32.41 9.04
N PRO B 495 -8.43 -33.07 9.50
CA PRO B 495 -7.70 -34.01 8.64
C PRO B 495 -8.53 -35.24 8.31
N HIS B 496 -9.01 -35.92 9.35
CA HIS B 496 -9.81 -37.12 9.19
C HIS B 496 -11.30 -36.83 9.27
N GLY B 497 -11.69 -35.57 9.19
CA GLY B 497 -13.09 -35.22 9.30
C GLY B 497 -13.72 -34.95 7.94
N VAL B 498 -13.83 -33.68 7.58
CA VAL B 498 -14.37 -33.28 6.29
C VAL B 498 -13.47 -32.20 5.71
N LEU B 499 -13.07 -32.36 4.46
CA LEU B 499 -12.13 -31.45 3.83
C LEU B 499 -12.67 -31.02 2.48
N PHE B 500 -12.68 -29.72 2.24
CA PHE B 500 -13.18 -29.17 1.01
C PHE B 500 -12.05 -28.98 0.01
N LEU B 501 -12.42 -28.91 -1.26
CA LEU B 501 -11.52 -28.47 -2.30
C LEU B 501 -12.26 -27.43 -3.12
N PRO B 502 -11.70 -26.25 -3.29
CA PRO B 502 -12.40 -25.20 -4.03
C PRO B 502 -12.28 -25.38 -5.54
N GLN B 503 -13.09 -24.61 -6.26
CA GLN B 503 -13.12 -24.70 -7.71
C GLN B 503 -11.83 -24.16 -8.30
N LYS B 504 -11.51 -22.93 -7.97
CA LYS B 504 -10.15 -22.46 -8.20
C LYS B 504 -9.32 -22.75 -6.95
N PRO B 505 -8.17 -23.41 -7.08
CA PRO B 505 -7.49 -23.91 -5.90
C PRO B 505 -6.67 -22.84 -5.21
N PHE B 506 -6.34 -23.11 -3.95
CA PHE B 506 -5.58 -22.19 -3.12
C PHE B 506 -4.17 -22.70 -2.88
N PHE B 507 -3.22 -21.78 -2.88
CA PHE B 507 -1.86 -22.05 -2.45
C PHE B 507 -1.35 -20.84 -1.71
N THR B 508 -0.97 -21.02 -0.45
CA THR B 508 -0.43 -19.90 0.28
C THR B 508 1.06 -19.76 0.01
N ASP B 509 1.64 -18.66 0.48
CA ASP B 509 3.08 -18.54 0.49
C ASP B 509 3.67 -19.48 1.52
N GLY B 510 4.71 -20.20 1.15
CA GLY B 510 5.35 -21.12 2.07
C GLY B 510 6.05 -22.24 1.33
N THR B 511 6.58 -23.16 2.13
CA THR B 511 7.29 -24.30 1.57
C THR B 511 6.32 -25.30 1.00
N LEU B 512 6.86 -26.27 0.25
CA LEU B 512 6.05 -27.35 -0.30
C LEU B 512 5.46 -28.22 0.81
N ARG B 513 6.17 -28.34 1.93
CA ARG B 513 5.61 -29.00 3.10
C ARG B 513 4.39 -28.25 3.62
N GLU B 514 4.37 -26.93 3.52
CA GLU B 514 3.22 -26.17 3.99
C GLU B 514 2.11 -26.14 2.94
N GLN B 515 2.43 -26.34 1.67
CA GLN B 515 1.40 -26.32 0.64
C GLN B 515 0.55 -27.57 0.63
N VAL B 516 0.91 -28.60 1.39
CA VAL B 516 0.18 -29.86 1.36
C VAL B 516 -0.51 -30.16 2.68
N ILE B 517 -0.11 -29.54 3.78
CA ILE B 517 -0.80 -29.75 5.05
C ILE B 517 -1.56 -28.48 5.36
N TYR B 518 -1.95 -27.76 4.30
CA TYR B 518 -2.28 -26.34 4.41
C TYR B 518 -3.38 -25.97 5.40
N PRO B 519 -4.49 -26.70 5.55
CA PRO B 519 -5.40 -26.34 6.66
C PRO B 519 -4.86 -26.68 8.05
N LEU B 520 -3.69 -27.28 8.19
CA LEU B 520 -3.17 -27.65 9.49
C LEU B 520 -1.96 -26.83 9.94
N LYS B 521 -1.23 -26.22 9.01
CA LYS B 521 -0.19 -25.18 9.16
C LYS B 521 1.06 -25.62 9.91
N GLU B 522 1.07 -26.81 10.49
CA GLU B 522 2.19 -27.44 11.16
C GLU B 522 1.79 -28.86 11.50
N VAL B 523 2.73 -29.80 11.37
CA VAL B 523 2.41 -31.21 11.52
C VAL B 523 3.23 -31.90 12.61
N TYR B 524 4.41 -31.41 12.97
CA TYR B 524 5.29 -32.13 13.90
C TYR B 524 4.80 -32.09 15.35
N PRO B 525 4.22 -31.00 15.87
CA PRO B 525 3.43 -31.16 17.10
C PRO B 525 2.12 -31.90 16.89
N ASP B 526 1.58 -31.91 15.67
CA ASP B 526 0.33 -32.61 15.42
C ASP B 526 0.56 -34.11 15.30
N SER B 527 1.58 -34.52 14.54
CA SER B 527 1.84 -35.93 14.30
C SER B 527 2.80 -36.51 15.33
N GLY B 528 3.95 -35.87 15.53
CA GLY B 528 4.98 -36.37 16.41
C GLY B 528 6.01 -37.24 15.72
N SER B 529 5.62 -37.94 14.66
CA SER B 529 6.55 -38.79 13.94
C SER B 529 7.53 -37.94 13.15
N ALA B 530 8.81 -38.34 13.20
CA ALA B 530 9.86 -37.52 12.60
C ALA B 530 9.84 -37.62 11.07
N ASP B 531 9.71 -38.83 10.54
CA ASP B 531 9.78 -39.01 9.10
C ASP B 531 8.48 -38.59 8.44
N ASP B 532 8.60 -37.83 7.36
CA ASP B 532 7.48 -37.37 6.57
C ASP B 532 7.50 -38.02 5.19
N GLU B 533 7.77 -39.33 5.17
CA GLU B 533 7.75 -40.09 3.93
C GLU B 533 6.34 -40.25 3.36
N ARG B 534 5.32 -39.92 4.14
CA ARG B 534 3.94 -39.98 3.67
C ARG B 534 3.69 -38.99 2.55
N ILE B 535 4.18 -37.76 2.71
CA ILE B 535 3.95 -36.76 1.67
C ILE B 535 4.84 -37.00 0.46
N LEU B 536 6.08 -37.46 0.66
CA LEU B 536 6.92 -37.81 -0.47
C LEU B 536 6.41 -39.04 -1.20
N ARG B 537 5.65 -39.89 -0.51
CA ARG B 537 4.90 -40.93 -1.19
C ARG B 537 3.77 -40.32 -2.01
N PHE B 538 3.00 -39.41 -1.38
CA PHE B 538 1.76 -38.94 -2.00
C PHE B 538 2.01 -37.99 -3.15
N LEU B 539 3.17 -37.34 -3.18
CA LEU B 539 3.47 -36.43 -4.29
C LEU B 539 3.72 -37.21 -5.58
N GLU B 540 4.55 -38.25 -5.50
CA GLU B 540 4.71 -39.14 -6.64
C GLU B 540 3.45 -39.98 -6.87
N LEU B 541 2.68 -40.26 -5.82
CA LEU B 541 1.39 -40.92 -6.01
C LEU B 541 0.41 -40.01 -6.73
N ALA B 542 0.50 -38.70 -6.48
CA ALA B 542 -0.25 -37.75 -7.30
C ALA B 542 0.51 -37.40 -8.57
N GLY B 543 1.79 -37.74 -8.65
CA GLY B 543 2.55 -37.66 -9.88
C GLY B 543 3.51 -36.50 -9.98
N LEU B 544 3.36 -35.48 -9.13
CA LEU B 544 4.16 -34.27 -9.26
C LEU B 544 5.41 -34.30 -8.38
N SER B 545 6.16 -35.39 -8.42
CA SER B 545 7.42 -35.43 -7.68
C SER B 545 8.55 -34.75 -8.42
N ASN B 546 8.36 -34.39 -9.68
CA ASN B 546 9.32 -33.52 -10.36
C ASN B 546 9.26 -32.08 -9.86
N LEU B 547 8.23 -31.74 -9.09
CA LEU B 547 8.16 -30.43 -8.46
C LEU B 547 9.13 -30.31 -7.29
N VAL B 548 9.44 -31.44 -6.64
CA VAL B 548 10.27 -31.41 -5.44
C VAL B 548 11.69 -30.98 -5.78
N ALA B 549 12.17 -31.35 -6.97
CA ALA B 549 13.47 -30.86 -7.43
C ALA B 549 13.39 -29.39 -7.80
N ARG B 550 12.20 -28.93 -8.17
CA ARG B 550 11.99 -27.51 -8.58
C ARG B 550 12.04 -26.61 -7.34
N THR B 551 11.51 -27.10 -6.22
CA THR B 551 11.49 -26.35 -4.97
C THR B 551 12.62 -26.74 -4.03
N GLU B 552 13.59 -27.51 -4.52
CA GLU B 552 14.86 -27.81 -3.84
C GLU B 552 14.64 -28.48 -2.48
N GLY B 553 13.71 -29.42 -2.43
CA GLY B 553 13.39 -30.07 -1.17
C GLY B 553 12.17 -29.47 -0.52
N LEU B 554 12.14 -29.44 0.80
CA LEU B 554 11.00 -28.91 1.54
C LEU B 554 11.43 -27.70 2.37
N ASP B 555 12.24 -26.82 1.77
CA ASP B 555 12.90 -25.77 2.52
C ASP B 555 12.09 -24.49 2.54
N GLN B 556 12.42 -23.63 3.50
CA GLN B 556 11.66 -22.42 3.78
C GLN B 556 11.85 -21.39 2.67
N GLN B 557 10.79 -20.61 2.42
CA GLN B 557 10.82 -19.39 1.61
C GLN B 557 11.23 -19.69 0.17
N VAL B 558 10.31 -20.35 -0.52
CA VAL B 558 10.49 -20.72 -1.92
C VAL B 558 10.59 -19.51 -2.85
N ASP B 559 10.16 -18.32 -2.40
CA ASP B 559 10.14 -17.06 -3.17
C ASP B 559 9.35 -17.20 -4.46
N TRP B 560 8.25 -17.92 -4.41
CA TRP B 560 7.38 -18.08 -5.56
C TRP B 560 6.03 -17.44 -5.30
N ASN B 561 5.22 -17.39 -6.34
CA ASN B 561 3.84 -16.98 -6.19
C ASN B 561 2.90 -18.15 -6.09
N TRP B 562 3.36 -19.35 -6.46
CA TRP B 562 2.63 -20.62 -6.47
C TRP B 562 1.41 -20.63 -7.39
N TYR B 563 1.23 -19.59 -8.19
CA TYR B 563 0.12 -19.52 -9.12
C TYR B 563 0.59 -19.38 -10.55
N ASP B 564 1.50 -18.46 -10.80
CA ASP B 564 2.09 -18.36 -12.13
C ASP B 564 3.19 -19.37 -12.35
N VAL B 565 3.99 -19.65 -11.32
CA VAL B 565 5.07 -20.62 -11.45
C VAL B 565 4.51 -22.04 -11.54
N LEU B 566 3.44 -22.34 -10.82
CA LEU B 566 2.81 -23.63 -10.98
C LEU B 566 1.89 -23.63 -12.18
N SER B 567 1.11 -24.64 -12.24
CA SER B 567 0.27 -24.93 -13.37
C SER B 567 -1.08 -25.45 -12.93
N PRO B 568 -2.17 -25.03 -13.60
CA PRO B 568 -3.49 -25.60 -13.30
C PRO B 568 -3.60 -27.09 -13.58
N GLY B 569 -2.70 -27.68 -14.36
CA GLY B 569 -2.59 -29.12 -14.38
C GLY B 569 -2.11 -29.66 -13.03
N GLU B 570 -1.12 -29.01 -12.45
CA GLU B 570 -0.56 -29.47 -11.19
C GLU B 570 -1.01 -28.65 -9.99
N MET B 571 -1.81 -27.60 -10.20
CA MET B 571 -2.53 -27.00 -9.08
C MET B 571 -3.52 -28.00 -8.51
N GLN B 572 -4.18 -28.75 -9.39
CA GLN B 572 -5.10 -29.80 -8.95
C GLN B 572 -4.35 -30.93 -8.27
N ARG B 573 -3.22 -31.34 -8.84
CA ARG B 573 -2.47 -32.46 -8.30
C ARG B 573 -1.82 -32.10 -6.97
N LEU B 574 -1.45 -30.84 -6.78
CA LEU B 574 -0.99 -30.43 -5.46
C LEU B 574 -2.16 -30.25 -4.50
N SER B 575 -3.34 -29.94 -5.02
CA SER B 575 -4.51 -29.94 -4.17
C SER B 575 -4.92 -31.35 -3.79
N PHE B 576 -4.66 -32.32 -4.67
CA PHE B 576 -5.02 -33.70 -4.35
C PHE B 576 -4.04 -34.31 -3.35
N ALA B 577 -2.76 -33.95 -3.45
CA ALA B 577 -1.81 -34.36 -2.43
C ALA B 577 -2.12 -33.73 -1.09
N ARG B 578 -2.70 -32.53 -1.11
CA ARG B 578 -3.24 -31.94 0.10
C ARG B 578 -4.41 -32.75 0.62
N LEU B 579 -5.24 -33.27 -0.28
CA LEU B 579 -6.35 -34.11 0.14
C LEU B 579 -5.88 -35.49 0.56
N PHE B 580 -4.84 -36.02 -0.09
CA PHE B 580 -4.39 -37.36 0.24
C PHE B 580 -3.69 -37.40 1.59
N TYR B 581 -2.97 -36.34 1.93
CA TYR B 581 -2.36 -36.24 3.25
C TYR B 581 -3.43 -36.19 4.33
N LEU B 582 -4.36 -35.26 4.18
CA LEU B 582 -5.41 -35.07 5.17
C LEU B 582 -6.65 -35.85 4.74
N GLN B 583 -6.52 -37.18 4.72
CA GLN B 583 -7.58 -37.99 4.15
C GLN B 583 -8.79 -37.98 5.09
N PRO B 584 -9.93 -37.52 4.61
CA PRO B 584 -11.09 -37.39 5.50
C PRO B 584 -12.00 -38.58 5.44
N LYS B 585 -13.02 -38.62 6.30
CA LYS B 585 -14.10 -39.54 6.07
C LYS B 585 -15.00 -39.06 4.93
N TYR B 586 -14.97 -37.77 4.62
CA TYR B 586 -15.73 -37.20 3.52
C TYR B 586 -14.91 -36.07 2.89
N ALA B 587 -14.56 -36.21 1.62
CA ALA B 587 -13.95 -35.11 0.87
C ALA B 587 -15.04 -34.40 0.09
N VAL B 588 -14.94 -33.08 0.01
CA VAL B 588 -15.98 -32.30 -0.67
C VAL B 588 -15.29 -31.69 -1.88
N LEU B 589 -14.51 -32.54 -2.54
CA LEU B 589 -13.82 -32.30 -3.81
C LEU B 589 -14.68 -31.57 -4.83
N ASP B 590 -14.06 -30.72 -5.64
CA ASP B 590 -14.82 -29.91 -6.60
C ASP B 590 -13.93 -29.60 -7.79
N GLN B 591 -14.36 -30.03 -8.97
CA GLN B 591 -13.77 -29.66 -10.26
C GLN B 591 -12.30 -30.05 -10.34
N ALA B 592 -12.07 -31.37 -10.36
CA ALA B 592 -10.74 -31.93 -10.58
C ALA B 592 -10.41 -32.00 -12.08
N THR B 593 -10.54 -30.86 -12.74
CA THR B 593 -10.33 -30.75 -14.18
C THR B 593 -8.85 -30.51 -14.45
N SER B 594 -8.53 -30.22 -15.71
CA SER B 594 -7.16 -30.04 -16.22
C SER B 594 -6.28 -31.25 -15.90
N ALA B 595 -6.89 -32.43 -15.90
CA ALA B 595 -6.19 -33.68 -15.72
C ALA B 595 -6.86 -34.70 -16.62
N LEU B 596 -6.08 -35.68 -17.07
CA LEU B 596 -6.54 -36.62 -18.09
C LEU B 596 -7.63 -37.53 -17.53
N THR B 597 -8.76 -37.57 -18.24
CA THR B 597 -10.03 -38.06 -17.71
C THR B 597 -10.02 -39.53 -17.33
N GLU B 598 -9.26 -40.36 -18.05
CA GLU B 598 -9.15 -41.76 -17.69
C GLU B 598 -7.76 -42.15 -17.22
N GLU B 599 -6.76 -41.29 -17.45
CA GLU B 599 -5.39 -41.63 -17.16
C GLU B 599 -4.98 -41.20 -15.75
N VAL B 600 -5.30 -39.97 -15.36
CA VAL B 600 -4.90 -39.49 -14.04
C VAL B 600 -6.04 -38.85 -13.26
N GLU B 601 -7.15 -38.43 -13.89
CA GLU B 601 -8.32 -38.07 -13.12
C GLU B 601 -8.93 -39.29 -12.45
N SER B 602 -8.97 -40.41 -13.16
CA SER B 602 -9.41 -41.65 -12.56
C SER B 602 -8.39 -42.16 -11.56
N GLU B 603 -7.10 -41.97 -11.86
CA GLU B 603 -6.05 -42.50 -11.00
C GLU B 603 -5.97 -41.73 -9.69
N LEU B 604 -6.24 -40.43 -9.72
CA LEU B 604 -6.33 -39.67 -8.47
C LEU B 604 -7.55 -40.09 -7.66
N TYR B 605 -8.61 -40.53 -8.34
CA TYR B 605 -9.77 -41.03 -7.62
C TYR B 605 -9.57 -42.45 -7.12
N ARG B 606 -8.68 -43.21 -7.74
CA ARG B 606 -8.37 -44.56 -7.27
C ARG B 606 -7.72 -44.54 -5.89
N ILE B 607 -7.00 -43.47 -5.56
CA ILE B 607 -6.46 -43.31 -4.22
C ILE B 607 -7.56 -42.95 -3.24
N GLY B 608 -8.70 -42.46 -3.72
CA GLY B 608 -9.79 -42.12 -2.82
C GLY B 608 -10.45 -43.34 -2.21
N GLN B 609 -10.79 -44.32 -3.04
CA GLN B 609 -11.33 -45.57 -2.49
C GLN B 609 -10.25 -46.37 -1.79
N GLN B 610 -8.99 -46.22 -2.20
CA GLN B 610 -7.90 -46.91 -1.53
C GLN B 610 -7.64 -46.33 -0.15
N LEU B 611 -7.94 -45.05 0.05
CA LEU B 611 -7.84 -44.44 1.36
C LEU B 611 -9.19 -44.35 2.07
N GLY B 612 -10.27 -44.68 1.38
CA GLY B 612 -11.60 -44.62 1.98
C GLY B 612 -12.02 -43.18 2.23
N MET B 613 -12.20 -42.41 1.18
CA MET B 613 -12.39 -40.98 1.32
C MET B 613 -13.84 -40.54 1.19
N THR B 614 -14.63 -41.18 0.33
CA THR B 614 -16.05 -40.88 0.07
C THR B 614 -16.20 -39.42 -0.36
N PHE B 615 -15.70 -39.16 -1.56
CA PHE B 615 -15.56 -37.78 -2.04
C PHE B 615 -16.83 -37.37 -2.78
N ILE B 616 -17.60 -36.46 -2.17
CA ILE B 616 -18.71 -35.81 -2.85
C ILE B 616 -18.15 -34.75 -3.80
N SER B 617 -18.29 -34.98 -5.09
CA SER B 617 -17.57 -34.20 -6.09
C SER B 617 -18.50 -33.50 -7.05
N VAL B 618 -17.95 -32.52 -7.75
CA VAL B 618 -18.64 -31.77 -8.79
C VAL B 618 -17.87 -31.95 -10.08
N GLY B 619 -18.55 -32.46 -11.10
CA GLY B 619 -17.90 -32.58 -12.38
C GLY B 619 -18.85 -33.10 -13.43
N HIS B 620 -18.88 -32.42 -14.57
CA HIS B 620 -19.71 -32.82 -15.70
C HIS B 620 -18.81 -33.50 -16.72
N ARG B 621 -18.32 -34.68 -16.35
CA ARG B 621 -17.47 -35.48 -17.20
C ARG B 621 -18.00 -36.90 -17.20
N GLN B 622 -17.87 -37.56 -18.35
CA GLN B 622 -18.36 -38.94 -18.49
C GLN B 622 -17.26 -39.94 -18.11
N SER B 623 -16.69 -39.72 -16.93
CA SER B 623 -15.84 -40.71 -16.28
C SER B 623 -16.05 -40.80 -14.79
N LEU B 624 -16.73 -39.82 -14.18
CA LEU B 624 -16.82 -39.76 -12.74
C LEU B 624 -17.88 -40.70 -12.18
N GLU B 625 -18.79 -41.17 -13.03
CA GLU B 625 -19.95 -41.91 -12.54
C GLU B 625 -19.61 -43.31 -12.05
N LYS B 626 -18.44 -43.85 -12.42
CA LYS B 626 -18.02 -45.13 -11.88
C LYS B 626 -17.58 -45.03 -10.43
N PHE B 627 -17.18 -43.84 -9.98
CA PHE B 627 -16.80 -43.63 -8.59
C PHE B 627 -17.95 -43.14 -7.73
N HIS B 628 -19.06 -42.74 -8.34
CA HIS B 628 -20.08 -41.98 -7.66
C HIS B 628 -21.41 -42.72 -7.66
N SER B 629 -22.10 -42.68 -6.53
CA SER B 629 -23.41 -43.32 -6.47
C SER B 629 -24.48 -42.44 -7.07
N LEU B 630 -24.75 -41.29 -6.47
CA LEU B 630 -25.81 -40.42 -6.96
C LEU B 630 -25.27 -39.47 -8.04
N VAL B 631 -26.20 -38.73 -8.66
CA VAL B 631 -25.89 -37.86 -9.79
C VAL B 631 -26.25 -36.41 -9.50
N LEU B 632 -27.46 -36.16 -9.01
CA LEU B 632 -27.96 -34.87 -8.54
C LEU B 632 -27.88 -33.80 -9.64
N LYS B 633 -28.69 -34.00 -10.67
CA LYS B 633 -28.81 -33.02 -11.74
C LYS B 633 -29.42 -31.73 -11.20
N LEU B 634 -29.09 -30.61 -11.86
CA LEU B 634 -29.55 -29.30 -11.41
C LEU B 634 -30.03 -28.43 -12.58
N CYS B 635 -30.57 -29.05 -13.63
CA CYS B 635 -30.89 -28.31 -14.85
C CYS B 635 -32.13 -27.45 -14.67
N GLY B 636 -31.96 -26.23 -14.17
CA GLY B 636 -33.06 -25.31 -14.04
C GLY B 636 -32.98 -24.45 -12.80
N GLY B 637 -33.91 -23.50 -12.66
CA GLY B 637 -33.93 -22.61 -11.51
C GLY B 637 -34.48 -23.27 -10.27
N GLY B 638 -33.75 -24.25 -9.75
CA GLY B 638 -34.19 -25.03 -8.62
C GLY B 638 -34.73 -26.37 -9.07
N ARG B 639 -33.91 -27.40 -9.02
CA ARG B 639 -34.26 -28.72 -9.49
C ARG B 639 -33.59 -29.75 -8.57
N TRP B 640 -34.11 -30.97 -8.58
CA TRP B 640 -33.71 -31.95 -7.57
C TRP B 640 -33.00 -33.16 -8.15
N GLU B 641 -33.69 -34.01 -8.93
CA GLU B 641 -33.20 -35.13 -9.76
C GLU B 641 -32.06 -35.96 -9.14
N LEU B 642 -32.36 -36.62 -8.03
CA LEU B 642 -31.42 -37.59 -7.46
C LEU B 642 -31.62 -38.93 -8.16
N MET B 643 -30.56 -39.42 -8.80
CA MET B 643 -30.70 -40.51 -9.76
C MET B 643 -30.16 -41.86 -9.27
N ARG B 644 -29.01 -41.87 -8.60
CA ARG B 644 -28.30 -43.08 -8.15
C ARG B 644 -27.97 -43.99 -9.34
N ILE B 645 -27.08 -43.48 -10.20
CA ILE B 645 -26.64 -44.24 -11.36
C ILE B 645 -25.78 -45.43 -10.92
N LYS B 646 -25.78 -46.48 -11.74
CA LYS B 646 -25.00 -47.67 -11.44
C LYS B 646 -24.27 -48.18 -12.69
PG ATP C . -2.23 -26.51 -18.97
O1G ATP C . -2.67 -25.27 -19.71
O2G ATP C . -2.39 -26.37 -17.47
O3G ATP C . -2.83 -27.78 -19.51
PB ATP C . 0.54 -27.36 -18.43
O1B ATP C . -0.02 -27.97 -17.19
O2B ATP C . 1.31 -28.21 -19.39
O3B ATP C . -0.64 -26.63 -19.23
PA ATP C . 2.83 -25.53 -18.60
O1A ATP C . 2.77 -24.04 -18.59
O2A ATP C . 3.12 -26.21 -19.90
O3A ATP C . 1.46 -26.11 -18.02
O5' ATP C . 3.88 -26.03 -17.49
C5' ATP C . 5.28 -25.71 -17.66
C4' ATP C . 6.01 -25.98 -16.37
O4' ATP C . 7.15 -25.10 -16.27
C3' ATP C . 5.21 -25.77 -15.07
O3' ATP C . 4.63 -26.98 -14.61
C2' ATP C . 6.26 -25.23 -14.10
O2' ATP C . 7.01 -26.26 -13.49
C1' ATP C . 7.13 -24.41 -15.05
N9 ATP C . 6.61 -23.07 -15.29
C8 ATP C . 5.46 -22.72 -15.97
N7 ATP C . 5.27 -21.42 -16.02
C5 ATP C . 6.36 -20.89 -15.35
C6 ATP C . 6.74 -19.55 -15.06
N6 ATP C . 6.04 -18.50 -15.42
N1 ATP C . 7.89 -19.38 -14.36
C2 ATP C . 8.59 -20.46 -13.99
N3 ATP C . 8.33 -21.75 -14.21
C4 ATP C . 7.18 -21.89 -14.89
PG ATP D . -18.75 -24.40 -10.97
O1G ATP D . -17.97 -24.84 -9.74
O2G ATP D . -18.07 -23.29 -11.73
O3G ATP D . -19.14 -25.56 -11.84
PB ATP D . -21.19 -22.76 -11.04
O1B ATP D . -20.68 -22.30 -12.37
O2B ATP D . -22.55 -23.35 -10.93
O3B ATP D . -20.13 -23.78 -10.41
PA ATP D . -22.02 -21.05 -8.80
O1A ATP D . -21.16 -20.60 -7.66
O2A ATP D . -23.03 -22.12 -8.52
O3A ATP D . -21.08 -21.54 -10.00
O5' ATP D . -22.74 -19.79 -9.46
C5' ATP D . -23.71 -19.04 -8.67
C4' ATP D . -24.01 -17.74 -9.36
O4' ATP D . -24.39 -16.75 -8.36
C3' ATP D . -22.85 -17.10 -10.15
O3' ATP D . -22.93 -17.45 -11.52
C2' ATP D . -23.08 -15.61 -9.92
O2' ATP D . -24.01 -15.05 -10.83
C1' ATP D . -23.60 -15.60 -8.50
N9 ATP D . -22.55 -15.64 -7.48
C8 ATP D . -21.69 -16.68 -7.21
N7 ATP D . -20.86 -16.41 -6.24
C5 ATP D . -21.19 -15.12 -5.84
C6 ATP D . -20.67 -14.27 -4.85
N6 ATP D . -19.67 -14.59 -4.04
N1 ATP D . -21.25 -13.04 -4.73
C2 ATP D . -22.26 -12.72 -5.54
N3 ATP D . -22.82 -13.45 -6.50
C4 ATP D . -22.23 -14.65 -6.61
#